data_9EZ6
#
_entry.id   9EZ6
#
_cell.length_a   67.802
_cell.length_b   99.032
_cell.length_c   100.841
_cell.angle_alpha   90.000
_cell.angle_beta   90.000
_cell.angle_gamma   90.000
#
_symmetry.space_group_name_H-M   'P 21 21 21'
#
loop_
_entity.id
_entity.type
_entity.pdbx_description
1 polymer 'Replicase polyprotein 1a'
2 polymer THR-PHE-THR-ARG-LEU-GLN-SER-LEU-GLU-ASN
3 non-polymer 'DIMETHYL SULFOXIDE'
4 non-polymer 1,2-ETHANEDIOL
5 non-polymer DI(HYDROXYETHYL)ETHER
6 non-polymer 'SODIUM ION'
7 non-polymer GLUTAMINE
8 water water
#
loop_
_entity_poly.entity_id
_entity_poly.type
_entity_poly.pdbx_seq_one_letter_code
_entity_poly.pdbx_strand_id
1 'polypeptide(L)'
;SGFRKMAFPSGKVEGCMVQVTCGTTTLNGLWLDDVVYCPRAVICTSEDMLNPNYEDLLIRKSNHNFLVQAGNVQLRVIGH
SMQNCVLKLKVDTANPKTPKYKFVRIQPGQTFSVLACYNGSPSGVYQCAMRPNFTIKGSFLNGSAGSVGFNIDYD(CSD)
VSFCYMHHMELPTGVHAGTDLEGNFYGPFVDRQTAQAAGTDTTITVNVLAWLYAAVINGDRWFLNRFTTTLNDFNLVAMK
YNYEPLTQDHVDILGPLSAQTGIAVLDMCASLKELLQNGMNGRTILGSALLEDEFTPFDVVRQCSGVTFQ
;
A,B
2 'polypeptide(L)' (THC)FTRLQSLENV C
#
loop_
_chem_comp.id
_chem_comp.type
_chem_comp.name
_chem_comp.formula
DMS non-polymer 'DIMETHYL SULFOXIDE' 'C2 H6 O S'
EDO non-polymer 1,2-ETHANEDIOL 'C2 H6 O2'
NA non-polymer 'SODIUM ION' 'Na 1'
PEG non-polymer DI(HYDROXYETHYL)ETHER 'C4 H10 O3'
#
# COMPACT_ATOMS: atom_id res chain seq x y z
N SER A 1 -5.43 5.21 -16.58
CA SER A 1 -4.77 3.89 -16.65
C SER A 1 -3.61 3.80 -15.68
N GLY A 2 -2.78 2.78 -15.87
CA GLY A 2 -1.76 2.41 -14.92
C GLY A 2 -2.23 1.29 -14.00
N PHE A 3 -1.28 0.72 -13.28
CA PHE A 3 -1.61 -0.40 -12.39
C PHE A 3 -0.65 -0.42 -11.22
N ARG A 4 -1.21 -0.29 -10.01
CA ARG A 4 -0.44 -0.16 -8.78
C ARG A 4 -0.96 -1.15 -7.75
N LYS A 5 -0.11 -1.50 -6.81
CA LYS A 5 -0.55 -2.31 -5.68
C LYS A 5 -1.28 -1.36 -4.73
N MET A 6 -2.60 -1.32 -4.85
CA MET A 6 -3.44 -0.29 -4.23
C MET A 6 -4.12 -0.90 -3.02
N ALA A 7 -4.02 -0.21 -1.88
CA ALA A 7 -4.74 -0.56 -0.67
C ALA A 7 -6.01 0.26 -0.55
N PHE A 8 -6.90 -0.20 0.32
CA PHE A 8 -8.06 0.61 0.61
C PHE A 8 -7.69 1.75 1.55
N PRO A 9 -8.36 2.89 1.44
CA PRO A 9 -8.12 3.97 2.41
C PRO A 9 -8.35 3.45 3.82
N SER A 10 -7.41 3.74 4.71
CA SER A 10 -7.35 3.12 6.03
C SER A 10 -8.07 3.89 7.14
N GLY A 11 -8.63 5.06 6.82
CA GLY A 11 -9.20 5.91 7.86
C GLY A 11 -10.27 5.23 8.69
N LYS A 12 -11.16 4.48 8.05
CA LYS A 12 -12.23 3.82 8.80
C LYS A 12 -11.68 2.82 9.81
N VAL A 13 -10.51 2.27 9.54
CA VAL A 13 -9.87 1.33 10.46
C VAL A 13 -9.02 2.05 11.49
N GLU A 14 -8.30 3.11 11.08
CA GLU A 14 -7.53 3.89 12.04
C GLU A 14 -8.38 4.29 13.24
N GLY A 15 -9.63 4.69 12.98
CA GLY A 15 -10.53 5.11 14.03
C GLY A 15 -10.92 4.02 15.00
N CYS A 16 -10.45 2.79 14.78
CA CYS A 16 -10.81 1.67 15.62
C CYS A 16 -9.63 1.11 16.41
N MET A 17 -8.42 1.61 16.16
CA MET A 17 -7.22 1.00 16.71
C MET A 17 -6.94 1.53 18.11
N VAL A 18 -6.71 0.61 19.05
CA VAL A 18 -6.37 0.99 20.41
C VAL A 18 -5.15 0.19 20.83
N GLN A 19 -4.60 0.57 21.98
CA GLN A 19 -3.50 -0.16 22.62
C GLN A 19 -4.07 -1.00 23.76
N VAL A 20 -3.64 -2.27 23.84
CA VAL A 20 -4.06 -3.17 24.90
C VAL A 20 -2.82 -3.67 25.64
N THR A 21 -2.80 -3.48 26.96
CA THR A 21 -1.70 -3.96 27.79
C THR A 21 -2.27 -4.86 28.87
N CYS A 22 -1.67 -6.02 29.05
CA CYS A 22 -1.96 -6.90 30.17
C CYS A 22 -0.62 -7.28 30.77
N GLY A 23 -0.39 -6.86 32.00
CA GLY A 23 0.89 -7.09 32.62
C GLY A 23 1.99 -6.34 31.93
N THR A 24 3.01 -7.07 31.50
CA THR A 24 4.15 -6.50 30.79
C THR A 24 4.01 -6.57 29.28
N THR A 25 2.88 -7.06 28.78
CA THR A 25 2.70 -7.32 27.35
C THR A 25 1.75 -6.29 26.77
N THR A 26 2.13 -5.73 25.61
CA THR A 26 1.32 -4.74 24.89
C THR A 26 1.18 -5.16 23.43
N LEU A 27 -0.02 -4.95 22.89
CA LEU A 27 -0.27 -5.09 21.47
C LEU A 27 -1.48 -4.24 21.11
N ASN A 28 -1.95 -4.38 19.87
CA ASN A 28 -3.05 -3.56 19.37
C ASN A 28 -4.38 -4.27 19.56
N GLY A 29 -5.44 -3.47 19.71
CA GLY A 29 -6.80 -3.98 19.71
C GLY A 29 -7.64 -3.24 18.70
N LEU A 30 -8.73 -3.89 18.33
CA LEU A 30 -9.72 -3.34 17.40
C LEU A 30 -10.99 -3.03 18.19
N TRP A 31 -11.29 -1.74 18.34
CA TRP A 31 -12.40 -1.24 19.14
C TRP A 31 -13.60 -1.02 18.22
N LEU A 32 -14.55 -1.94 18.28
CA LEU A 32 -15.79 -1.86 17.51
C LEU A 32 -16.95 -1.91 18.48
N ASP A 33 -17.80 -0.88 18.42
CA ASP A 33 -18.92 -0.75 19.36
C ASP A 33 -18.32 -0.77 20.76
N ASP A 34 -18.84 -1.59 21.69
CA ASP A 34 -18.34 -1.64 23.05
C ASP A 34 -17.45 -2.85 23.29
N VAL A 35 -16.80 -3.37 22.25
CA VAL A 35 -15.94 -4.54 22.35
C VAL A 35 -14.60 -4.21 21.72
N VAL A 36 -13.53 -4.56 22.42
CA VAL A 36 -12.17 -4.47 21.89
C VAL A 36 -11.70 -5.90 21.63
N TYR A 37 -11.33 -6.17 20.38
CA TYR A 37 -10.83 -7.48 19.97
C TYR A 37 -9.31 -7.41 19.86
N CYS A 38 -8.64 -8.45 20.34
CA CYS A 38 -7.18 -8.49 20.25
C CYS A 38 -6.72 -9.94 20.40
N PRO A 39 -5.48 -10.23 20.02
CA PRO A 39 -4.97 -11.60 20.21
C PRO A 39 -4.91 -11.95 21.69
N ARG A 40 -5.35 -13.17 22.00
CA ARG A 40 -5.30 -13.60 23.39
C ARG A 40 -3.87 -13.74 23.90
N ALA A 41 -2.89 -13.73 22.99
CA ALA A 41 -1.48 -13.75 23.39
C ALA A 41 -1.13 -12.64 24.37
N VAL A 42 -1.92 -11.57 24.45
CA VAL A 42 -1.57 -10.49 25.35
C VAL A 42 -1.61 -10.93 26.80
N ILE A 43 -2.31 -12.03 27.12
CA ILE A 43 -2.36 -12.47 28.50
C ILE A 43 -1.24 -13.47 28.85
N CYS A 44 -0.38 -13.82 27.90
CA CYS A 44 0.74 -14.69 28.21
C CYS A 44 1.62 -14.05 29.28
N THR A 45 2.31 -14.88 30.05
CA THR A 45 3.14 -14.42 31.15
C THR A 45 4.55 -14.02 30.71
N SER A 46 4.74 -13.74 29.41
CA SER A 46 6.03 -13.29 28.89
C SER A 46 7.17 -14.24 29.27
N GLU A 47 6.84 -15.48 29.63
CA GLU A 47 7.80 -16.48 30.07
C GLU A 47 7.33 -17.82 29.54
N ASP A 48 6.05 -18.13 29.73
CA ASP A 48 5.43 -19.31 29.14
C ASP A 48 4.64 -18.87 27.90
N MET A 49 5.37 -18.74 26.80
CA MET A 49 4.75 -18.54 25.49
C MET A 49 4.93 -19.75 24.59
N LEU A 50 5.58 -20.81 25.08
CA LEU A 50 5.65 -22.06 24.32
C LEU A 50 4.35 -22.85 24.42
N ASN A 51 3.81 -22.99 25.64
CA ASN A 51 2.59 -23.76 25.88
C ASN A 51 1.68 -23.05 26.88
N PRO A 52 1.25 -21.83 26.57
CA PRO A 52 0.30 -21.14 27.45
C PRO A 52 -1.04 -21.87 27.48
N ASN A 53 -1.64 -21.94 28.67
CA ASN A 53 -3.00 -22.46 28.84
C ASN A 53 -3.90 -21.24 28.93
N TYR A 54 -4.41 -20.78 27.80
CA TYR A 54 -5.10 -19.49 27.77
C TYR A 54 -6.37 -19.51 28.62
N GLU A 55 -7.10 -20.61 28.64
CA GLU A 55 -8.28 -20.71 29.51
C GLU A 55 -7.89 -20.52 30.97
N ASP A 56 -6.77 -21.12 31.39
CA ASP A 56 -6.35 -20.98 32.77
C ASP A 56 -5.88 -19.56 33.06
N LEU A 57 -5.12 -18.97 32.12
CA LEU A 57 -4.63 -17.62 32.34
C LEU A 57 -5.77 -16.61 32.40
N LEU A 58 -6.79 -16.78 31.57
CA LEU A 58 -7.85 -15.76 31.47
C LEU A 58 -8.71 -15.72 32.73
N ILE A 59 -9.03 -16.89 33.28
CA ILE A 59 -9.89 -16.93 34.45
C ILE A 59 -9.19 -16.33 35.66
N ARG A 60 -7.87 -16.20 35.63
CA ARG A 60 -7.13 -15.56 36.72
C ARG A 60 -7.00 -14.06 36.56
N LYS A 61 -7.46 -13.51 35.44
CA LYS A 61 -7.42 -12.06 35.22
C LYS A 61 -8.68 -11.40 35.75
N SER A 62 -8.54 -10.17 36.20
CA SER A 62 -9.66 -9.28 36.47
C SER A 62 -9.76 -8.25 35.37
N ASN A 63 -10.95 -7.66 35.21
CA ASN A 63 -11.12 -6.59 34.22
C ASN A 63 -10.07 -5.51 34.40
N HIS A 64 -9.72 -5.19 35.65
CA HIS A 64 -8.74 -4.14 35.91
C HIS A 64 -7.31 -4.55 35.60
N ASN A 65 -7.08 -5.81 35.20
CA ASN A 65 -5.77 -6.22 34.74
C ASN A 65 -5.50 -5.79 33.30
N PHE A 66 -6.53 -5.40 32.56
CA PHE A 66 -6.38 -4.98 31.17
C PHE A 66 -6.37 -3.47 31.09
N LEU A 67 -5.34 -2.91 30.47
CA LEU A 67 -5.17 -1.48 30.29
C LEU A 67 -5.41 -1.18 28.82
N VAL A 68 -6.53 -0.55 28.49
CA VAL A 68 -6.90 -0.20 27.13
C VAL A 68 -6.83 1.32 27.00
N GLN A 69 -6.05 1.80 26.04
CA GLN A 69 -5.86 3.22 25.81
C GLN A 69 -6.25 3.56 24.38
N ALA A 70 -7.12 4.55 24.22
CA ALA A 70 -7.49 5.11 22.93
C ALA A 70 -7.00 6.56 22.92
N GLY A 71 -5.80 6.79 22.38
CA GLY A 71 -5.21 8.11 22.48
C GLY A 71 -4.87 8.41 23.93
N ASN A 72 -5.32 9.57 24.40
CA ASN A 72 -5.15 9.93 25.81
C ASN A 72 -6.20 9.26 26.71
N VAL A 73 -7.28 8.75 26.12
CA VAL A 73 -8.39 8.21 26.91
C VAL A 73 -8.06 6.77 27.30
N GLN A 74 -8.25 6.45 28.57
CA GLN A 74 -8.19 5.07 29.04
C GLN A 74 -9.62 4.54 29.10
N LEU A 75 -9.85 3.37 28.48
CA LEU A 75 -11.17 2.76 28.47
C LEU A 75 -11.29 1.78 29.63
N ARG A 76 -12.47 1.77 30.25
CA ARG A 76 -12.74 0.86 31.36
C ARG A 76 -13.26 -0.47 30.81
N VAL A 77 -12.52 -1.54 31.08
CA VAL A 77 -12.97 -2.89 30.75
C VAL A 77 -13.96 -3.35 31.81
N ILE A 78 -15.13 -3.81 31.38
CA ILE A 78 -16.18 -4.26 32.27
C ILE A 78 -16.50 -5.73 32.07
N GLY A 79 -15.70 -6.43 31.28
CA GLY A 79 -15.92 -7.85 31.04
C GLY A 79 -14.94 -8.33 30.01
N HIS A 80 -14.69 -9.64 30.03
CA HIS A 80 -13.73 -10.23 29.11
C HIS A 80 -14.10 -11.67 28.82
N SER A 81 -13.89 -12.10 27.58
CA SER A 81 -14.12 -13.48 27.19
C SER A 81 -13.21 -13.80 26.01
N MET A 82 -13.18 -15.09 25.67
CA MET A 82 -12.30 -15.60 24.65
C MET A 82 -13.12 -16.31 23.58
N GLN A 83 -12.94 -15.93 22.34
CA GLN A 83 -13.51 -16.66 21.21
C GLN A 83 -12.33 -17.21 20.42
N ASN A 84 -12.09 -18.53 20.53
CA ASN A 84 -10.93 -19.14 19.90
C ASN A 84 -9.67 -18.39 20.30
N CYS A 85 -8.92 -17.86 19.34
CA CYS A 85 -7.66 -17.21 19.63
C CYS A 85 -7.76 -15.69 19.80
N VAL A 86 -8.97 -15.17 19.87
CA VAL A 86 -9.18 -13.72 20.02
C VAL A 86 -9.84 -13.46 21.37
N LEU A 87 -9.32 -12.47 22.09
CA LEU A 87 -9.88 -12.00 23.34
C LEU A 87 -10.84 -10.86 23.03
N LYS A 88 -11.97 -10.87 23.73
CA LYS A 88 -13.00 -9.85 23.58
C LYS A 88 -13.16 -9.11 24.90
N LEU A 89 -12.74 -7.85 24.93
CA LEU A 89 -12.82 -7.02 26.12
C LEU A 89 -14.04 -6.11 26.00
N LYS A 90 -15.04 -6.34 26.85
CA LYS A 90 -16.18 -5.44 26.92
C LYS A 90 -15.76 -4.17 27.65
N VAL A 91 -16.00 -3.02 27.02
CA VAL A 91 -15.73 -1.73 27.62
C VAL A 91 -17.05 -0.96 27.79
N ASP A 92 -17.00 0.05 28.64
CA ASP A 92 -18.22 0.78 28.99
C ASP A 92 -18.57 1.88 28.01
N THR A 93 -17.78 2.05 26.94
CA THR A 93 -18.00 3.09 25.95
C THR A 93 -17.96 2.46 24.56
N ALA A 94 -19.02 2.66 23.79
CA ALA A 94 -19.01 2.28 22.38
C ALA A 94 -18.14 3.24 21.59
N ASN A 95 -17.39 2.70 20.64
CA ASN A 95 -16.52 3.55 19.83
C ASN A 95 -17.37 4.43 18.94
N PRO A 96 -17.33 5.76 19.10
CA PRO A 96 -18.15 6.62 18.23
C PRO A 96 -17.70 6.59 16.77
N LYS A 97 -16.49 6.12 16.49
CA LYS A 97 -15.98 6.04 15.14
C LYS A 97 -16.17 4.67 14.51
N THR A 98 -16.96 3.80 15.13
CA THR A 98 -17.18 2.47 14.59
C THR A 98 -17.80 2.59 13.19
N PRO A 99 -17.19 2.02 12.16
CA PRO A 99 -17.82 2.05 10.84
C PRO A 99 -18.85 0.92 10.70
N LYS A 100 -19.59 0.96 9.59
CA LYS A 100 -20.31 -0.23 9.16
C LYS A 100 -19.29 -1.31 8.87
N TYR A 101 -19.48 -2.49 9.44
CA TYR A 101 -18.46 -3.53 9.32
C TYR A 101 -19.08 -4.91 9.38
N LYS A 102 -18.30 -5.90 8.96
CA LYS A 102 -18.61 -7.31 9.14
C LYS A 102 -17.30 -8.06 9.27
N PHE A 103 -17.39 -9.27 9.80
CA PHE A 103 -16.26 -10.20 9.85
C PHE A 103 -16.43 -11.23 8.73
N VAL A 104 -15.36 -11.48 7.98
N VAL A 104 -15.37 -11.48 7.98
CA VAL A 104 -15.38 -12.42 6.87
CA VAL A 104 -15.40 -12.45 6.89
C VAL A 104 -14.12 -13.27 6.94
C VAL A 104 -14.13 -13.27 6.93
N ARG A 105 -14.27 -14.57 6.70
CA ARG A 105 -13.14 -15.48 6.60
C ARG A 105 -12.86 -15.68 5.11
N ILE A 106 -11.64 -15.34 4.67
CA ILE A 106 -11.31 -15.35 3.26
C ILE A 106 -10.64 -16.65 2.88
N GLN A 107 -10.56 -16.88 1.56
CA GLN A 107 -9.96 -18.05 0.97
C GLN A 107 -8.56 -17.72 0.51
N PRO A 108 -7.66 -18.71 0.42
CA PRO A 108 -6.35 -18.43 -0.17
C PRO A 108 -6.46 -17.85 -1.58
N GLY A 109 -5.59 -16.89 -1.88
CA GLY A 109 -5.65 -16.13 -3.10
C GLY A 109 -6.35 -14.80 -2.96
N GLN A 110 -7.23 -14.66 -1.98
CA GLN A 110 -7.91 -13.39 -1.77
C GLN A 110 -6.91 -12.35 -1.27
N THR A 111 -7.14 -11.10 -1.64
CA THR A 111 -6.28 -9.99 -1.22
C THR A 111 -6.99 -9.13 -0.19
N PHE A 112 -6.20 -8.34 0.54
CA PHE A 112 -6.75 -7.43 1.53
C PHE A 112 -5.67 -6.41 1.86
N SER A 113 -6.11 -5.30 2.46
CA SER A 113 -5.21 -4.26 2.94
C SER A 113 -4.87 -4.50 4.40
N VAL A 114 -3.63 -4.21 4.78
CA VAL A 114 -3.17 -4.32 6.16
C VAL A 114 -2.83 -2.93 6.67
N LEU A 115 -3.40 -2.54 7.83
CA LEU A 115 -2.98 -1.36 8.56
C LEU A 115 -2.03 -1.80 9.68
N ALA A 116 -0.74 -1.70 9.43
CA ALA A 116 0.27 -2.08 10.41
C ALA A 116 0.31 -1.04 11.52
N CYS A 117 0.14 -1.47 12.77
CA CYS A 117 0.07 -0.57 13.90
C CYS A 117 1.02 -1.01 15.00
N TYR A 118 1.43 -0.03 15.81
CA TYR A 118 2.27 -0.26 16.98
C TYR A 118 1.77 0.62 18.10
N ASN A 119 1.51 0.00 19.26
CA ASN A 119 1.01 0.73 20.43
C ASN A 119 -0.29 1.46 20.10
N GLY A 120 -1.12 0.83 19.29
CA GLY A 120 -2.40 1.38 18.90
C GLY A 120 -2.35 2.48 17.86
N SER A 121 -1.15 2.83 17.35
CA SER A 121 -1.04 3.88 16.34
C SER A 121 -0.63 3.31 14.99
N PRO A 122 -1.20 3.79 13.89
CA PRO A 122 -0.88 3.22 12.58
C PRO A 122 0.50 3.64 12.09
N SER A 123 1.21 2.68 11.52
CA SER A 123 2.51 2.95 10.89
C SER A 123 2.37 3.09 9.38
N GLY A 124 1.55 2.27 8.75
CA GLY A 124 1.39 2.35 7.32
C GLY A 124 0.38 1.32 6.84
N VAL A 125 0.05 1.42 5.55
CA VAL A 125 -0.95 0.54 4.95
C VAL A 125 -0.36 -0.08 3.69
N TYR A 126 -0.54 -1.39 3.52
CA TYR A 126 -0.08 -2.06 2.32
C TYR A 126 -1.06 -3.17 1.97
N GLN A 127 -0.91 -3.70 0.76
CA GLN A 127 -1.80 -4.72 0.24
C GLN A 127 -1.12 -6.07 0.35
N CYS A 128 -1.89 -7.08 0.77
CA CYS A 128 -1.41 -8.45 0.97
C CYS A 128 -2.35 -9.45 0.29
N ALA A 129 -1.93 -10.69 0.27
CA ALA A 129 -2.79 -11.77 -0.18
C ALA A 129 -2.63 -12.93 0.78
N MET A 130 -3.72 -13.66 1.01
CA MET A 130 -3.65 -14.93 1.71
C MET A 130 -2.96 -15.95 0.79
N ARG A 131 -1.78 -16.44 1.20
CA ARG A 131 -1.04 -17.37 0.34
C ARG A 131 -1.71 -18.73 0.35
N PRO A 132 -1.45 -19.54 -0.69
CA PRO A 132 -1.98 -20.92 -0.68
C PRO A 132 -1.60 -21.70 0.55
N ASN A 133 -0.44 -21.44 1.17
CA ASN A 133 -0.05 -22.12 2.39
C ASN A 133 -0.56 -21.42 3.65
N PHE A 134 -1.52 -20.52 3.48
CA PHE A 134 -2.24 -19.86 4.56
C PHE A 134 -1.34 -18.97 5.42
N THR A 135 -0.20 -18.55 4.89
CA THR A 135 0.55 -17.45 5.47
C THR A 135 0.24 -16.17 4.69
N ILE A 136 0.69 -15.06 5.22
CA ILE A 136 0.72 -13.82 4.45
C ILE A 136 2.13 -13.28 4.51
N LYS A 137 2.56 -12.63 3.42
CA LYS A 137 3.89 -12.05 3.32
C LYS A 137 3.75 -10.59 3.72
N GLY A 138 3.72 -10.35 5.03
CA GLY A 138 3.51 -9.02 5.56
C GLY A 138 4.82 -8.32 5.88
N SER A 139 4.67 -7.16 6.52
CA SER A 139 5.79 -6.38 7.02
C SER A 139 5.41 -6.03 8.45
N PHE A 140 5.91 -6.81 9.43
CA PHE A 140 5.47 -6.73 10.81
C PHE A 140 6.68 -6.86 11.72
N LEU A 141 6.71 -6.04 12.78
CA LEU A 141 7.71 -6.09 13.82
C LEU A 141 7.04 -6.43 15.15
N ASN A 142 7.87 -6.66 16.17
CA ASN A 142 7.32 -6.90 17.50
C ASN A 142 6.46 -5.71 17.90
N GLY A 143 5.27 -6.00 18.40
CA GLY A 143 4.27 -5.01 18.73
C GLY A 143 3.16 -4.87 17.71
N SER A 144 3.29 -5.54 16.58
CA SER A 144 2.31 -5.39 15.50
C SER A 144 1.11 -6.32 15.67
N ALA A 145 1.20 -7.30 16.56
CA ALA A 145 0.07 -8.21 16.75
C ALA A 145 -1.17 -7.38 17.06
N GLY A 146 -2.30 -7.84 16.52
CA GLY A 146 -3.53 -7.11 16.62
C GLY A 146 -3.80 -6.15 15.47
N SER A 147 -2.80 -5.80 14.67
CA SER A 147 -3.04 -5.16 13.38
C SER A 147 -4.00 -6.04 12.57
N VAL A 148 -4.83 -5.40 11.74
CA VAL A 148 -5.87 -6.13 11.04
C VAL A 148 -5.75 -5.93 9.53
N GLY A 149 -6.29 -6.90 8.79
CA GLY A 149 -6.43 -6.82 7.36
C GLY A 149 -7.90 -6.67 7.02
N PHE A 150 -8.18 -5.95 5.93
CA PHE A 150 -9.56 -5.55 5.67
C PHE A 150 -9.73 -5.22 4.20
N ASN A 151 -10.99 -5.19 3.78
CA ASN A 151 -11.39 -4.68 2.47
C ASN A 151 -12.54 -3.71 2.69
N ILE A 152 -12.66 -2.73 1.79
CA ILE A 152 -13.75 -1.76 1.83
C ILE A 152 -14.25 -1.50 0.42
N ASP A 153 -14.82 -2.51 -0.23
CA ASP A 153 -15.23 -2.32 -1.61
C ASP A 153 -16.37 -1.32 -1.75
N TYR A 154 -17.20 -1.18 -0.72
CA TYR A 154 -18.36 -0.27 -0.77
C TYR A 154 -18.28 0.72 0.38
N ASP A 155 -19.18 0.64 1.35
CA ASP A 155 -19.11 1.50 2.53
C ASP A 155 -18.84 0.65 3.78
N CSD A 156 -18.95 -0.65 3.59
CA CSD A 156 -18.73 -1.63 4.62
CB CSD A 156 -19.63 -2.83 4.34
SG CSD A 156 -20.10 -3.64 5.80
C CSD A 156 -17.30 -2.11 4.74
O CSD A 156 -16.66 -2.54 3.78
OD1 CSD A 156 -21.09 -4.64 5.38
OD2 CSD A 156 -18.77 -4.67 5.82
HA CSD A 156 -18.97 -1.19 5.64
HB2 CSD A 156 -19.09 -3.54 3.65
HB3 CSD A 156 -20.54 -2.48 3.77
HD2 CSD A 156 -18.32 -4.67 6.68
N VAL A 157 -16.77 -2.01 5.95
CA VAL A 157 -15.43 -2.52 6.21
C VAL A 157 -15.53 -4.02 6.49
N SER A 158 -14.90 -4.85 5.66
CA SER A 158 -14.84 -6.29 5.86
C SER A 158 -13.52 -6.63 6.53
N PHE A 159 -13.57 -6.95 7.82
CA PHE A 159 -12.37 -7.38 8.55
C PHE A 159 -12.14 -8.86 8.29
N CYS A 160 -10.97 -9.21 7.75
N CYS A 160 -10.96 -9.19 7.74
CA CYS A 160 -10.70 -10.60 7.44
CA CYS A 160 -10.65 -10.53 7.32
C CYS A 160 -9.49 -11.18 8.13
C CYS A 160 -9.41 -11.12 7.99
N TYR A 161 -8.64 -10.35 8.75
CA TYR A 161 -7.38 -10.84 9.30
C TYR A 161 -7.00 -10.02 10.53
N MET A 162 -6.54 -10.73 11.57
CA MET A 162 -5.90 -10.12 12.73
C MET A 162 -4.54 -10.76 12.90
N HIS A 163 -3.50 -9.93 13.01
CA HIS A 163 -2.14 -10.46 12.98
C HIS A 163 -1.76 -11.01 14.35
N HIS A 164 -1.06 -12.16 14.35
CA HIS A 164 -0.57 -12.72 15.60
C HIS A 164 0.94 -12.93 15.60
N MET A 165 1.51 -13.51 14.54
CA MET A 165 2.86 -14.06 14.72
C MET A 165 3.66 -14.13 13.44
N GLU A 166 4.97 -14.23 13.62
CA GLU A 166 5.89 -14.40 12.52
C GLU A 166 6.55 -15.77 12.61
N LEU A 167 6.63 -16.45 11.47
CA LEU A 167 7.22 -17.77 11.38
C LEU A 167 8.71 -17.70 11.04
N PRO A 168 9.43 -18.82 11.12
CA PRO A 168 10.88 -18.75 10.96
C PRO A 168 11.34 -18.19 9.63
N THR A 169 10.58 -18.42 8.54
CA THR A 169 10.96 -17.88 7.24
C THR A 169 10.66 -16.40 7.08
N GLY A 170 10.07 -15.78 8.09
CA GLY A 170 9.76 -14.37 7.99
C GLY A 170 8.42 -14.07 7.39
N VAL A 171 7.58 -15.08 7.13
CA VAL A 171 6.20 -14.84 6.74
C VAL A 171 5.35 -14.88 7.99
N HIS A 172 4.05 -14.61 7.85
CA HIS A 172 3.22 -14.26 8.99
C HIS A 172 1.95 -15.09 9.01
N ALA A 173 1.42 -15.27 10.22
CA ALA A 173 0.20 -16.04 10.41
C ALA A 173 -0.72 -15.32 11.39
N GLY A 174 -2.01 -15.53 11.22
CA GLY A 174 -2.99 -14.88 12.04
C GLY A 174 -4.35 -15.53 11.87
N THR A 175 -5.36 -14.86 12.39
CA THR A 175 -6.70 -15.41 12.48
C THR A 175 -7.67 -14.53 11.72
N ASP A 176 -8.87 -15.08 11.48
CA ASP A 176 -10.01 -14.22 11.20
C ASP A 176 -10.45 -13.54 12.50
N LEU A 177 -11.49 -12.70 12.40
CA LEU A 177 -11.91 -11.92 13.57
C LEU A 177 -12.80 -12.73 14.51
N GLU A 178 -13.07 -13.98 14.19
CA GLU A 178 -13.64 -14.91 15.14
C GLU A 178 -12.57 -15.76 15.82
N GLY A 179 -11.30 -15.46 15.57
CA GLY A 179 -10.20 -16.08 16.29
C GLY A 179 -9.73 -17.41 15.75
N ASN A 180 -10.22 -17.84 14.61
CA ASN A 180 -9.76 -19.08 13.98
C ASN A 180 -8.55 -18.77 13.11
N PHE A 181 -7.45 -19.49 13.36
CA PHE A 181 -6.24 -19.28 12.56
C PHE A 181 -6.51 -19.65 11.11
N TYR A 182 -5.86 -18.92 10.20
CA TYR A 182 -5.70 -19.37 8.83
C TYR A 182 -4.55 -20.39 8.84
N GLY A 183 -4.80 -21.58 8.32
CA GLY A 183 -3.76 -22.60 8.25
C GLY A 183 -3.66 -23.38 9.54
N PRO A 184 -2.68 -24.27 9.62
CA PRO A 184 -2.59 -25.18 10.77
C PRO A 184 -1.81 -24.60 11.95
N PHE A 185 -1.71 -23.28 12.02
CA PHE A 185 -0.85 -22.64 13.00
C PHE A 185 -1.58 -22.41 14.31
N VAL A 186 -0.81 -22.22 15.38
CA VAL A 186 -1.35 -21.99 16.71
C VAL A 186 -0.62 -20.81 17.34
N ASP A 187 -1.29 -20.15 18.29
CA ASP A 187 -0.70 -18.98 18.94
C ASP A 187 0.16 -19.41 20.13
N ARG A 188 1.23 -20.11 19.77
CA ARG A 188 2.26 -20.58 20.69
C ARG A 188 3.60 -20.40 19.97
N GLN A 189 4.67 -20.21 20.74
CA GLN A 189 5.98 -20.03 20.14
C GLN A 189 6.69 -21.36 19.93
N THR A 190 5.96 -22.47 19.96
CA THR A 190 6.52 -23.73 19.50
C THR A 190 6.94 -23.61 18.03
N ALA A 191 7.95 -24.36 17.65
CA ALA A 191 8.48 -24.24 16.30
C ALA A 191 7.41 -24.63 15.29
N GLN A 192 7.15 -23.75 14.34
CA GLN A 192 6.15 -23.98 13.31
C GLN A 192 6.73 -23.61 11.97
N ALA A 193 6.38 -24.37 10.94
CA ALA A 193 6.91 -24.18 9.60
C ALA A 193 5.76 -24.02 8.63
N ALA A 194 5.85 -23.02 7.77
CA ALA A 194 4.92 -22.90 6.66
C ALA A 194 5.19 -24.00 5.65
N GLY A 195 4.13 -24.56 5.08
CA GLY A 195 4.29 -25.48 3.97
C GLY A 195 4.84 -24.77 2.75
N THR A 196 5.23 -25.57 1.76
CA THR A 196 5.71 -25.02 0.50
C THR A 196 4.66 -24.11 -0.10
N ASP A 197 5.06 -22.87 -0.41
CA ASP A 197 4.13 -21.94 -1.02
C ASP A 197 4.05 -22.19 -2.51
N THR A 198 2.92 -21.77 -3.11
CA THR A 198 2.69 -21.94 -4.54
C THR A 198 2.15 -20.62 -5.10
N THR A 199 2.25 -20.48 -6.42
CA THR A 199 1.81 -19.26 -7.07
C THR A 199 0.32 -19.33 -7.37
N ILE A 200 -0.39 -18.22 -7.13
CA ILE A 200 -1.83 -18.15 -7.30
C ILE A 200 -2.13 -17.93 -8.78
N THR A 201 -2.34 -19.02 -9.51
CA THR A 201 -2.41 -18.96 -10.96
C THR A 201 -3.51 -18.01 -11.44
N VAL A 202 -4.70 -18.12 -10.85
CA VAL A 202 -5.81 -17.31 -11.33
C VAL A 202 -5.47 -15.83 -11.23
N ASN A 203 -4.72 -15.44 -10.20
CA ASN A 203 -4.32 -14.05 -10.04
C ASN A 203 -3.29 -13.63 -11.08
N VAL A 204 -2.35 -14.53 -11.43
CA VAL A 204 -1.41 -14.22 -12.49
C VAL A 204 -2.16 -13.94 -13.79
N LEU A 205 -3.16 -14.76 -14.09
CA LEU A 205 -3.90 -14.58 -15.33
C LEU A 205 -4.66 -13.26 -15.32
N ALA A 206 -5.28 -12.92 -14.18
CA ALA A 206 -5.95 -11.62 -14.05
C ALA A 206 -4.99 -10.48 -14.34
N TRP A 207 -3.76 -10.56 -13.81
CA TRP A 207 -2.76 -9.54 -14.01
C TRP A 207 -2.28 -9.48 -15.44
N LEU A 208 -2.22 -10.62 -16.14
CA LEU A 208 -1.92 -10.58 -17.56
C LEU A 208 -3.02 -9.85 -18.32
N TYR A 209 -4.29 -10.07 -17.92
CA TYR A 209 -5.38 -9.33 -18.54
C TYR A 209 -5.24 -7.84 -18.23
N ALA A 210 -4.87 -7.50 -16.99
CA ALA A 210 -4.63 -6.11 -16.63
C ALA A 210 -3.56 -5.48 -17.52
N ALA A 211 -2.54 -6.27 -17.88
CA ALA A 211 -1.47 -5.77 -18.75
C ALA A 211 -2.00 -5.50 -20.16
N VAL A 212 -2.79 -6.43 -20.71
CA VAL A 212 -3.37 -6.20 -22.03
C VAL A 212 -4.26 -4.97 -22.02
N ILE A 213 -5.08 -4.82 -20.98
CA ILE A 213 -5.94 -3.64 -20.85
C ILE A 213 -5.11 -2.36 -20.87
N ASN A 214 -3.92 -2.41 -20.26
CA ASN A 214 -3.02 -1.27 -20.24
C ASN A 214 -2.10 -1.19 -21.46
N GLY A 215 -2.35 -2.01 -22.48
CA GLY A 215 -1.68 -1.85 -23.75
C GLY A 215 -0.55 -2.81 -24.03
N ASP A 216 -0.25 -3.73 -23.12
CA ASP A 216 0.78 -4.73 -23.36
C ASP A 216 0.23 -5.85 -24.23
N ARG A 217 1.05 -6.32 -25.17
N ARG A 217 1.06 -6.32 -25.16
CA ARG A 217 0.67 -7.47 -25.97
CA ARG A 217 0.69 -7.40 -26.06
C ARG A 217 1.84 -8.38 -26.32
C ARG A 217 1.85 -8.35 -26.35
N TRP A 218 3.06 -8.06 -25.87
CA TRP A 218 4.23 -8.79 -26.36
C TRP A 218 4.21 -10.25 -25.96
N PHE A 219 3.55 -10.59 -24.85
CA PHE A 219 3.53 -11.95 -24.35
C PHE A 219 2.38 -12.78 -24.90
N LEU A 220 1.49 -12.17 -25.70
CA LEU A 220 0.44 -12.95 -26.35
C LEU A 220 1.01 -13.89 -27.41
N ASN A 221 0.34 -15.02 -27.61
CA ASN A 221 0.76 -15.97 -28.62
C ASN A 221 -0.48 -16.50 -29.33
N ARG A 222 -0.24 -17.19 -30.44
CA ARG A 222 -1.30 -17.73 -31.28
C ARG A 222 -1.84 -19.04 -30.76
N PHE A 223 -1.30 -19.52 -29.64
CA PHE A 223 -1.64 -20.85 -29.15
C PHE A 223 -2.79 -20.81 -28.16
N THR A 224 -3.51 -21.92 -28.08
CA THR A 224 -4.45 -22.18 -27.00
C THR A 224 -4.06 -23.52 -26.38
N THR A 225 -4.60 -23.81 -25.21
CA THR A 225 -4.30 -25.04 -24.52
C THR A 225 -5.57 -25.59 -23.89
N THR A 226 -5.53 -26.86 -23.52
CA THR A 226 -6.58 -27.42 -22.69
C THR A 226 -6.30 -27.13 -21.22
N LEU A 227 -7.35 -27.20 -20.41
CA LEU A 227 -7.19 -26.95 -18.98
C LEU A 227 -6.29 -27.99 -18.35
N ASN A 228 -6.37 -29.24 -18.81
CA ASN A 228 -5.53 -30.28 -18.23
C ASN A 228 -4.07 -30.14 -18.67
N ASP A 229 -3.84 -29.84 -19.95
CA ASP A 229 -2.46 -29.61 -20.40
C ASP A 229 -1.83 -28.43 -19.67
N PHE A 230 -2.57 -27.33 -19.53
CA PHE A 230 -2.03 -26.21 -18.78
C PHE A 230 -1.72 -26.61 -17.33
N ASN A 231 -2.66 -27.33 -16.70
CA ASN A 231 -2.44 -27.72 -15.30
C ASN A 231 -1.23 -28.64 -15.16
N LEU A 232 -0.90 -29.40 -16.19
CA LEU A 232 0.30 -30.22 -16.13
C LEU A 232 1.55 -29.34 -16.15
N VAL A 233 1.53 -28.27 -16.95
CA VAL A 233 2.65 -27.33 -16.95
C VAL A 233 2.70 -26.57 -15.62
N ALA A 234 1.54 -26.17 -15.09
CA ALA A 234 1.51 -25.33 -13.90
C ALA A 234 2.13 -26.03 -12.70
N MET A 235 1.71 -27.26 -12.43
CA MET A 235 2.26 -27.99 -11.28
C MET A 235 3.77 -28.19 -11.41
N LYS A 236 4.28 -28.27 -12.63
CA LYS A 236 5.72 -28.39 -12.82
C LYS A 236 6.45 -27.15 -12.31
N TYR A 237 5.73 -26.03 -12.14
CA TYR A 237 6.34 -24.79 -11.69
C TYR A 237 5.81 -24.35 -10.31
N ASN A 238 5.20 -25.26 -9.56
CA ASN A 238 4.63 -24.93 -8.25
C ASN A 238 3.55 -23.83 -8.36
N TYR A 239 2.74 -23.94 -9.41
CA TYR A 239 1.60 -23.06 -9.62
C TYR A 239 0.34 -23.80 -9.19
N GLU A 240 -0.60 -23.06 -8.60
CA GLU A 240 -1.86 -23.65 -8.20
C GLU A 240 -2.62 -24.15 -9.43
N PRO A 241 -3.35 -25.27 -9.31
CA PRO A 241 -4.15 -25.73 -10.45
C PRO A 241 -5.28 -24.76 -10.75
N LEU A 242 -5.64 -24.69 -12.02
CA LEU A 242 -6.72 -23.82 -12.49
C LEU A 242 -7.98 -24.65 -12.64
N THR A 243 -9.06 -24.21 -12.02
CA THR A 243 -10.34 -24.91 -12.05
C THR A 243 -11.30 -24.22 -12.99
N GLN A 244 -12.40 -24.91 -13.31
CA GLN A 244 -13.44 -24.30 -14.12
C GLN A 244 -14.03 -23.08 -13.43
N ASP A 245 -14.08 -23.08 -12.10
CA ASP A 245 -14.53 -21.89 -11.37
C ASP A 245 -13.63 -20.70 -11.66
N HIS A 246 -12.32 -20.91 -11.67
CA HIS A 246 -11.40 -19.84 -12.04
C HIS A 246 -11.66 -19.37 -13.46
N VAL A 247 -11.87 -20.31 -14.39
CA VAL A 247 -12.17 -19.91 -15.76
C VAL A 247 -13.42 -19.06 -15.81
N ASP A 248 -14.46 -19.44 -15.05
CA ASP A 248 -15.66 -18.63 -14.99
C ASP A 248 -15.36 -17.24 -14.45
N ILE A 249 -14.56 -17.17 -13.38
CA ILE A 249 -14.27 -15.88 -12.76
C ILE A 249 -13.54 -14.95 -13.73
N LEU A 250 -12.67 -15.52 -14.56
CA LEU A 250 -11.93 -14.74 -15.55
C LEU A 250 -12.78 -14.35 -16.74
N GLY A 251 -14.04 -14.79 -16.78
CA GLY A 251 -14.92 -14.50 -17.89
C GLY A 251 -14.97 -13.03 -18.26
N PRO A 252 -15.34 -12.16 -17.32
CA PRO A 252 -15.48 -10.73 -17.68
C PRO A 252 -14.23 -10.13 -18.29
N LEU A 253 -13.05 -10.44 -17.74
CA LEU A 253 -11.82 -9.93 -18.32
C LEU A 253 -11.59 -10.49 -19.72
N SER A 254 -11.86 -11.79 -19.92
CA SER A 254 -11.73 -12.36 -21.26
C SER A 254 -12.71 -11.70 -22.23
N ALA A 255 -13.88 -11.32 -21.74
CA ALA A 255 -14.86 -10.65 -22.60
C ALA A 255 -14.42 -9.22 -22.89
N GLN A 256 -13.91 -8.52 -21.88
CA GLN A 256 -13.48 -7.14 -22.03
C GLN A 256 -12.31 -7.02 -23.00
N THR A 257 -11.48 -8.06 -23.10
CA THR A 257 -10.27 -8.00 -23.92
C THR A 257 -10.39 -8.80 -25.21
N GLY A 258 -11.39 -9.67 -25.32
CA GLY A 258 -11.51 -10.50 -26.49
C GLY A 258 -10.53 -11.65 -26.52
N ILE A 259 -9.84 -11.94 -25.44
CA ILE A 259 -8.85 -13.02 -25.37
C ILE A 259 -9.43 -14.11 -24.48
N ALA A 260 -9.66 -15.30 -25.06
CA ALA A 260 -10.20 -16.40 -24.30
C ALA A 260 -9.25 -16.81 -23.18
N VAL A 261 -9.83 -17.40 -22.13
CA VAL A 261 -9.05 -17.72 -20.93
C VAL A 261 -7.95 -18.71 -21.28
N LEU A 262 -8.29 -19.76 -22.03
CA LEU A 262 -7.31 -20.79 -22.36
C LEU A 262 -6.30 -20.29 -23.39
N ASP A 263 -6.63 -19.21 -24.09
CA ASP A 263 -5.66 -18.53 -24.93
C ASP A 263 -4.64 -17.79 -24.08
N MET A 264 -5.11 -17.14 -23.02
CA MET A 264 -4.18 -16.50 -22.09
C MET A 264 -3.38 -17.53 -21.31
N CYS A 265 -3.99 -18.69 -21.01
CA CYS A 265 -3.25 -19.73 -20.31
C CYS A 265 -2.05 -20.18 -21.13
N ALA A 266 -2.23 -20.25 -22.45
CA ALA A 266 -1.12 -20.59 -23.34
C ALA A 266 -0.03 -19.54 -23.30
N SER A 267 -0.39 -18.26 -23.14
CA SER A 267 0.61 -17.23 -22.93
C SER A 267 1.38 -17.51 -21.65
N LEU A 268 0.65 -17.83 -20.57
CA LEU A 268 1.31 -18.12 -19.30
C LEU A 268 2.21 -19.34 -19.44
N LYS A 269 1.74 -20.37 -20.14
CA LYS A 269 2.55 -21.55 -20.36
C LYS A 269 3.86 -21.18 -21.05
N GLU A 270 3.80 -20.33 -22.07
CA GLU A 270 5.01 -19.96 -22.80
C GLU A 270 5.93 -19.13 -21.92
N LEU A 271 5.37 -18.24 -21.10
CA LEU A 271 6.20 -17.47 -20.19
C LEU A 271 6.89 -18.37 -19.17
N LEU A 272 6.19 -19.40 -18.69
CA LEU A 272 6.81 -20.36 -17.78
C LEU A 272 7.87 -21.20 -18.50
N GLN A 273 7.51 -21.75 -19.67
CA GLN A 273 8.43 -22.66 -20.35
C GLN A 273 9.68 -21.93 -20.84
N ASN A 274 9.51 -20.71 -21.37
CA ASN A 274 10.62 -20.01 -22.01
C ASN A 274 11.07 -18.76 -21.26
N GLY A 275 10.50 -18.47 -20.10
CA GLY A 275 10.93 -17.30 -19.35
C GLY A 275 10.37 -16.00 -19.92
N MET A 276 10.91 -14.89 -19.40
CA MET A 276 10.42 -13.57 -19.75
C MET A 276 11.33 -12.80 -20.68
N ASN A 277 12.53 -13.31 -20.97
CA ASN A 277 13.41 -12.70 -21.98
C ASN A 277 13.85 -11.30 -21.55
N GLY A 278 14.14 -11.14 -20.26
CA GLY A 278 14.61 -9.87 -19.74
C GLY A 278 13.63 -8.74 -19.89
N ARG A 279 12.41 -9.07 -20.33
CA ARG A 279 11.35 -8.09 -20.53
C ARG A 279 10.54 -7.92 -19.25
N THR A 280 9.67 -6.92 -19.25
CA THR A 280 8.80 -6.65 -18.11
C THR A 280 7.33 -6.65 -18.53
N ILE A 281 6.46 -6.87 -17.56
CA ILE A 281 5.02 -6.78 -17.74
C ILE A 281 4.49 -5.86 -16.64
N LEU A 282 3.82 -4.79 -17.03
CA LEU A 282 3.30 -3.80 -16.07
C LEU A 282 4.37 -3.41 -15.06
N GLY A 283 5.59 -3.24 -15.54
CA GLY A 283 6.68 -2.80 -14.70
C GLY A 283 7.31 -3.85 -13.81
N SER A 284 6.99 -5.12 -14.02
CA SER A 284 7.56 -6.19 -13.21
C SER A 284 8.24 -7.22 -14.12
N ALA A 285 9.40 -7.69 -13.66
CA ALA A 285 10.17 -8.71 -14.37
C ALA A 285 9.81 -10.13 -13.95
N LEU A 286 8.94 -10.28 -12.97
CA LEU A 286 8.41 -11.57 -12.57
C LEU A 286 6.89 -11.52 -12.60
N LEU A 287 6.28 -12.70 -12.60
CA LEU A 287 4.83 -12.80 -12.69
C LEU A 287 4.22 -12.47 -11.34
N GLU A 288 3.30 -11.52 -11.34
CA GLU A 288 2.66 -11.03 -10.12
C GLU A 288 1.38 -11.82 -9.85
N ASP A 289 1.19 -12.26 -8.57
CA ASP A 289 0.03 -13.10 -8.25
C ASP A 289 -0.76 -12.60 -7.05
N GLU A 290 -0.63 -11.34 -6.68
CA GLU A 290 -1.39 -10.77 -5.58
C GLU A 290 -2.30 -9.65 -6.06
N PHE A 291 -2.85 -9.82 -7.26
CA PHE A 291 -4.02 -9.08 -7.73
C PHE A 291 -5.08 -10.08 -8.16
N THR A 292 -6.29 -9.97 -7.60
CA THR A 292 -7.36 -10.90 -7.99
C THR A 292 -8.07 -10.40 -9.23
N PRO A 293 -8.84 -11.26 -9.91
CA PRO A 293 -9.71 -10.78 -10.99
C PRO A 293 -10.56 -9.58 -10.58
N PHE A 294 -11.05 -9.59 -9.33
CA PHE A 294 -11.85 -8.47 -8.84
C PHE A 294 -10.99 -7.21 -8.69
N ASP A 295 -9.78 -7.37 -8.18
CA ASP A 295 -8.89 -6.23 -8.06
C ASP A 295 -8.65 -5.59 -9.42
N VAL A 296 -8.40 -6.41 -10.44
CA VAL A 296 -8.09 -5.89 -11.77
C VAL A 296 -9.26 -5.10 -12.31
N VAL A 297 -10.46 -5.67 -12.23
CA VAL A 297 -11.65 -4.97 -12.71
C VAL A 297 -11.81 -3.63 -12.00
N ARG A 298 -11.63 -3.62 -10.67
CA ARG A 298 -11.82 -2.39 -9.92
C ARG A 298 -10.82 -1.32 -10.36
N GLN A 299 -9.55 -1.69 -10.52
CA GLN A 299 -8.53 -0.71 -10.87
C GLN A 299 -8.57 -0.35 -12.35
N CYS A 300 -9.09 -1.24 -13.20
CA CYS A 300 -9.16 -0.98 -14.62
C CYS A 300 -10.62 -0.84 -15.08
N SER A 301 -11.41 -0.04 -14.38
CA SER A 301 -12.83 0.09 -14.65
C SER A 301 -13.18 1.34 -15.45
N GLY A 302 -12.24 1.84 -16.25
CA GLY A 302 -12.51 2.99 -17.10
C GLY A 302 -12.81 4.27 -16.32
N SER B 1 9.71 -8.85 10.49
CA SER B 1 10.44 -8.65 9.23
C SER B 1 9.47 -8.58 8.05
N GLY B 2 10.02 -8.62 6.85
CA GLY B 2 9.24 -8.38 5.65
C GLY B 2 9.44 -6.97 5.14
N PHE B 3 9.10 -6.76 3.86
CA PHE B 3 9.24 -5.43 3.26
C PHE B 3 8.18 -5.26 2.18
N ARG B 4 7.35 -4.24 2.34
CA ARG B 4 6.22 -3.99 1.48
C ARG B 4 6.26 -2.54 1.00
N LYS B 5 5.66 -2.28 -0.15
CA LYS B 5 5.46 -0.90 -0.56
C LYS B 5 4.34 -0.31 0.30
N MET B 6 4.70 0.51 1.27
CA MET B 6 3.80 0.93 2.33
C MET B 6 3.44 2.40 2.14
N ALA B 7 2.14 2.68 2.13
CA ALA B 7 1.65 4.06 2.14
C ALA B 7 1.46 4.56 3.56
N PHE B 8 1.42 5.88 3.70
CA PHE B 8 1.03 6.45 4.98
C PHE B 8 -0.45 6.15 5.24
N PRO B 9 -0.84 6.01 6.51
CA PRO B 9 -2.28 5.95 6.82
C PRO B 9 -2.99 7.17 6.27
N SER B 10 -4.12 6.96 5.59
CA SER B 10 -4.76 7.99 4.80
C SER B 10 -5.92 8.67 5.53
N GLY B 11 -6.18 8.30 6.78
CA GLY B 11 -7.36 8.82 7.46
C GLY B 11 -7.39 10.32 7.57
N LYS B 12 -6.26 10.95 7.90
CA LYS B 12 -6.25 12.40 8.06
C LYS B 12 -6.61 13.12 6.77
N VAL B 13 -6.34 12.50 5.62
CA VAL B 13 -6.65 13.10 4.33
C VAL B 13 -8.08 12.80 3.89
N GLU B 14 -8.57 11.58 4.18
CA GLU B 14 -9.91 11.23 3.75
C GLU B 14 -10.94 12.23 4.27
N GLY B 15 -10.73 12.73 5.48
CA GLY B 15 -11.63 13.71 6.04
C GLY B 15 -11.62 15.06 5.37
N CYS B 16 -10.77 15.25 4.35
CA CYS B 16 -10.69 16.51 3.63
C CYS B 16 -11.19 16.44 2.19
N MET B 17 -11.50 15.25 1.68
CA MET B 17 -11.88 15.11 0.29
C MET B 17 -13.36 15.45 0.12
N VAL B 18 -13.66 16.26 -0.88
CA VAL B 18 -15.03 16.66 -1.20
C VAL B 18 -15.19 16.56 -2.70
N GLN B 19 -16.44 16.61 -3.14
CA GLN B 19 -16.79 16.60 -4.56
C GLN B 19 -17.06 18.03 -5.01
N VAL B 20 -16.42 18.44 -6.09
CA VAL B 20 -16.61 19.77 -6.67
C VAL B 20 -17.18 19.59 -8.06
N THR B 21 -18.30 20.26 -8.32
CA THR B 21 -18.96 20.19 -9.62
C THR B 21 -19.19 21.61 -10.12
N CYS B 22 -18.82 21.85 -11.38
CA CYS B 22 -19.09 23.13 -12.04
C CYS B 22 -19.59 22.82 -13.45
N GLY B 23 -20.85 23.12 -13.72
CA GLY B 23 -21.45 22.78 -14.98
C GLY B 23 -21.62 21.28 -15.10
N THR B 24 -21.00 20.69 -16.12
CA THR B 24 -21.06 19.25 -16.32
C THR B 24 -19.84 18.53 -15.79
N THR B 25 -18.84 19.27 -15.31
CA THR B 25 -17.59 18.68 -14.84
C THR B 25 -17.67 18.39 -13.35
N THR B 26 -17.21 17.20 -12.94
CA THR B 26 -17.14 16.81 -11.55
C THR B 26 -15.77 16.22 -11.29
N LEU B 27 -15.08 16.72 -10.26
CA LEU B 27 -13.81 16.15 -9.85
C LEU B 27 -13.68 16.32 -8.34
N ASN B 28 -12.48 16.07 -7.83
CA ASN B 28 -12.23 16.06 -6.41
C ASN B 28 -11.62 17.37 -5.94
N GLY B 29 -11.97 17.76 -4.71
CA GLY B 29 -11.40 18.92 -4.08
C GLY B 29 -10.88 18.56 -2.70
N LEU B 30 -10.00 19.40 -2.18
CA LEU B 30 -9.36 19.20 -0.88
C LEU B 30 -9.82 20.33 0.04
N TRP B 31 -10.63 19.99 1.04
CA TRP B 31 -11.27 20.95 1.95
C TRP B 31 -10.40 21.07 3.20
N LEU B 32 -9.68 22.17 3.28
CA LEU B 32 -8.80 22.46 4.41
C LEU B 32 -9.19 23.81 4.97
N ASP B 33 -9.40 23.90 6.28
CA ASP B 33 -9.91 25.13 6.90
C ASP B 33 -11.13 25.55 6.09
N ASP B 34 -11.26 26.81 5.69
CA ASP B 34 -12.43 27.27 4.95
C ASP B 34 -12.13 27.50 3.48
N VAL B 35 -11.24 26.70 2.89
CA VAL B 35 -10.95 26.78 1.47
C VAL B 35 -10.92 25.38 0.87
N VAL B 36 -11.48 25.27 -0.34
CA VAL B 36 -11.44 24.02 -1.09
C VAL B 36 -10.50 24.22 -2.27
N TYR B 37 -9.47 23.38 -2.36
CA TYR B 37 -8.50 23.41 -3.44
C TYR B 37 -8.86 22.35 -4.47
N CYS B 38 -8.78 22.69 -5.75
CA CYS B 38 -9.05 21.73 -6.81
C CYS B 38 -8.41 22.22 -8.11
N PRO B 39 -8.23 21.34 -9.08
CA PRO B 39 -7.64 21.78 -10.36
C PRO B 39 -8.52 22.83 -11.03
N ARG B 40 -7.88 23.83 -11.61
CA ARG B 40 -8.62 24.89 -12.30
C ARG B 40 -9.30 24.40 -13.57
N ALA B 41 -9.08 23.15 -13.99
CA ALA B 41 -9.73 22.62 -15.16
C ALA B 41 -11.20 22.29 -14.93
N VAL B 42 -11.64 22.24 -13.67
CA VAL B 42 -13.06 22.01 -13.39
C VAL B 42 -13.93 23.11 -14.00
N ILE B 43 -13.33 24.23 -14.40
CA ILE B 43 -14.07 25.36 -14.97
C ILE B 43 -14.35 25.18 -16.45
N CYS B 44 -13.56 24.37 -17.15
CA CYS B 44 -13.76 24.17 -18.57
C CYS B 44 -15.12 23.55 -18.86
N PRO B 52 -8.88 26.63 -22.50
CA PRO B 52 -8.32 27.92 -22.92
C PRO B 52 -8.85 29.11 -22.12
N ASN B 53 -7.94 29.98 -21.68
CA ASN B 53 -8.30 31.20 -20.96
C ASN B 53 -9.13 30.89 -19.72
N TYR B 54 -8.45 30.59 -18.62
CA TYR B 54 -9.15 30.25 -17.38
C TYR B 54 -9.65 31.50 -16.64
N GLU B 55 -8.90 32.60 -16.70
CA GLU B 55 -9.35 33.83 -16.05
C GLU B 55 -10.68 34.30 -16.64
N ASP B 56 -10.75 34.42 -17.96
CA ASP B 56 -11.99 34.84 -18.63
C ASP B 56 -12.97 33.65 -18.71
N LEU B 57 -13.32 33.13 -17.53
CA LEU B 57 -14.26 32.04 -17.39
C LEU B 57 -14.57 31.94 -15.91
N LEU B 58 -13.56 32.20 -15.07
CA LEU B 58 -13.75 32.24 -13.62
C LEU B 58 -14.43 33.55 -13.20
N ILE B 59 -14.09 34.65 -13.86
CA ILE B 59 -14.72 35.94 -13.53
C ILE B 59 -16.21 35.89 -13.84
N ARG B 60 -16.60 35.14 -14.86
CA ARG B 60 -18.00 35.01 -15.21
C ARG B 60 -18.76 34.06 -14.28
N LYS B 61 -18.07 33.31 -13.45
CA LYS B 61 -18.71 32.39 -12.52
C LYS B 61 -19.12 33.11 -11.24
N SER B 62 -20.34 32.86 -10.79
CA SER B 62 -20.76 33.23 -9.44
C SER B 62 -20.35 32.11 -8.47
N ASN B 63 -20.45 32.41 -7.17
CA ASN B 63 -20.12 31.39 -6.18
C ASN B 63 -21.06 30.20 -6.26
N HIS B 64 -22.30 30.43 -6.72
CA HIS B 64 -23.27 29.35 -6.84
C HIS B 64 -23.09 28.52 -8.10
N ASN B 65 -22.06 28.77 -8.90
CA ASN B 65 -21.72 27.88 -10.00
C ASN B 65 -20.95 26.65 -9.52
N PHE B 66 -20.38 26.71 -8.33
CA PHE B 66 -19.54 25.64 -7.81
C PHE B 66 -20.34 24.87 -6.76
N LEU B 67 -20.68 23.62 -7.09
CA LEU B 67 -21.41 22.73 -6.19
C LEU B 67 -20.38 21.88 -5.45
N VAL B 68 -20.13 22.23 -4.19
CA VAL B 68 -19.20 21.50 -3.35
C VAL B 68 -20.03 20.64 -2.41
N GLN B 69 -19.74 19.34 -2.40
CA GLN B 69 -20.52 18.39 -1.61
C GLN B 69 -19.57 17.54 -0.76
N ALA B 70 -19.88 17.46 0.53
CA ALA B 70 -19.15 16.63 1.48
C ALA B 70 -20.15 15.59 1.97
N GLY B 71 -20.12 14.40 1.36
CA GLY B 71 -21.17 13.44 1.60
C GLY B 71 -22.49 14.00 1.12
N ASN B 72 -23.48 14.04 2.01
CA ASN B 72 -24.74 14.70 1.70
C ASN B 72 -24.69 16.20 1.99
N VAL B 73 -23.76 16.63 2.83
CA VAL B 73 -23.73 18.02 3.26
C VAL B 73 -23.28 18.90 2.10
N GLN B 74 -24.09 19.90 1.77
CA GLN B 74 -23.73 20.92 0.79
C GLN B 74 -22.98 22.04 1.49
N LEU B 75 -21.88 22.48 0.89
CA LEU B 75 -21.08 23.58 1.43
C LEU B 75 -21.42 24.86 0.67
N ARG B 76 -21.68 25.94 1.43
CA ARG B 76 -21.94 27.24 0.83
C ARG B 76 -20.63 27.87 0.42
N VAL B 77 -20.47 28.15 -0.87
CA VAL B 77 -19.29 28.82 -1.40
C VAL B 77 -19.52 30.33 -1.34
N ILE B 78 -18.59 31.04 -0.71
CA ILE B 78 -18.72 32.48 -0.50
C ILE B 78 -17.63 33.26 -1.22
N GLY B 79 -16.83 32.61 -2.05
CA GLY B 79 -15.77 33.29 -2.77
C GLY B 79 -14.90 32.32 -3.54
N HIS B 80 -14.22 32.81 -4.58
CA HIS B 80 -13.38 31.92 -5.37
C HIS B 80 -12.22 32.71 -5.97
N SER B 81 -11.12 32.01 -6.23
CA SER B 81 -9.89 32.64 -6.67
C SER B 81 -9.02 31.57 -7.30
N MET B 82 -8.08 32.01 -8.13
CA MET B 82 -7.19 31.10 -8.84
C MET B 82 -5.74 31.37 -8.46
N GLN B 83 -4.99 30.30 -8.21
CA GLN B 83 -3.55 30.40 -7.97
C GLN B 83 -2.85 29.43 -8.90
N ASN B 84 -2.16 29.96 -9.92
CA ASN B 84 -1.50 29.11 -10.90
C ASN B 84 -2.54 28.15 -11.49
N CYS B 85 -2.37 26.85 -11.31
CA CYS B 85 -3.28 25.89 -11.93
C CYS B 85 -4.28 25.30 -10.95
N VAL B 86 -4.41 25.88 -9.76
CA VAL B 86 -5.39 25.39 -8.78
C VAL B 86 -6.41 26.48 -8.50
N LEU B 87 -7.64 26.05 -8.26
CA LEU B 87 -8.75 26.92 -7.92
C LEU B 87 -9.01 26.83 -6.43
N LYS B 88 -9.25 27.97 -5.81
CA LYS B 88 -9.48 28.06 -4.37
C LYS B 88 -10.88 28.58 -4.13
N LEU B 89 -11.71 27.75 -3.50
CA LEU B 89 -13.10 28.09 -3.22
C LEU B 89 -13.25 28.33 -1.73
N LYS B 90 -13.56 29.57 -1.35
CA LYS B 90 -13.83 29.90 0.04
C LYS B 90 -15.23 29.45 0.42
N VAL B 91 -15.34 28.73 1.53
CA VAL B 91 -16.64 28.30 2.04
C VAL B 91 -16.89 28.91 3.42
N ASP B 92 -18.15 28.86 3.84
CA ASP B 92 -18.58 29.52 5.07
C ASP B 92 -18.30 28.71 6.33
N THR B 93 -17.71 27.53 6.21
CA THR B 93 -17.40 26.68 7.36
C THR B 93 -15.99 26.16 7.20
N ALA B 94 -15.21 26.19 8.28
CA ALA B 94 -13.92 25.53 8.31
C ALA B 94 -14.13 24.04 8.54
N ASN B 95 -13.38 23.22 7.81
CA ASN B 95 -13.55 21.78 7.92
C ASN B 95 -13.17 21.34 9.33
N PRO B 96 -14.13 20.80 10.11
CA PRO B 96 -13.79 20.39 11.48
C PRO B 96 -12.83 19.23 11.52
N LYS B 97 -12.65 18.51 10.42
CA LYS B 97 -11.70 17.42 10.36
C LYS B 97 -10.35 17.84 9.81
N THR B 98 -10.12 19.13 9.61
CA THR B 98 -8.84 19.60 9.08
C THR B 98 -7.71 19.09 9.95
N PRO B 99 -6.73 18.37 9.42
CA PRO B 99 -5.60 17.95 10.24
C PRO B 99 -4.57 19.07 10.34
N LYS B 100 -3.59 18.89 11.20
CA LYS B 100 -2.37 19.69 11.13
C LYS B 100 -1.69 19.43 9.79
N TYR B 101 -1.48 20.49 9.00
CA TYR B 101 -0.95 20.27 7.66
C TYR B 101 -0.13 21.46 7.20
N LYS B 102 0.64 21.22 6.14
CA LYS B 102 1.32 22.28 5.41
C LYS B 102 1.44 21.83 3.97
N PHE B 103 1.67 22.81 3.09
CA PHE B 103 1.97 22.54 1.70
C PHE B 103 3.49 22.47 1.50
N VAL B 104 3.95 21.46 0.76
CA VAL B 104 5.38 21.36 0.45
C VAL B 104 5.53 21.00 -1.02
N ARG B 105 6.64 21.43 -1.61
CA ARG B 105 7.04 20.98 -2.94
C ARG B 105 8.17 19.96 -2.78
N ILE B 106 7.98 18.78 -3.34
CA ILE B 106 8.96 17.71 -3.16
C ILE B 106 9.94 17.73 -4.33
N GLN B 107 11.05 17.06 -4.16
CA GLN B 107 12.08 16.91 -5.18
C GLN B 107 11.91 15.60 -5.94
N PRO B 108 12.35 15.56 -7.19
CA PRO B 108 12.40 14.28 -7.89
C PRO B 108 13.17 13.26 -7.06
N GLY B 109 12.64 12.04 -7.02
CA GLY B 109 13.20 10.97 -6.23
C GLY B 109 12.50 10.75 -4.90
N GLN B 110 11.86 11.79 -4.37
CA GLN B 110 11.14 11.65 -3.12
C GLN B 110 9.80 10.94 -3.36
N THR B 111 9.37 10.18 -2.38
CA THR B 111 8.17 9.38 -2.47
C THR B 111 7.02 10.04 -1.70
N PHE B 112 5.81 9.58 -2.00
CA PHE B 112 4.63 10.07 -1.29
C PHE B 112 3.48 9.11 -1.52
N SER B 113 2.47 9.23 -0.67
CA SER B 113 1.26 8.42 -0.77
C SER B 113 0.22 9.17 -1.57
N VAL B 114 -0.41 8.49 -2.52
CA VAL B 114 -1.51 9.05 -3.29
C VAL B 114 -2.81 8.48 -2.76
N LEU B 115 -3.78 9.36 -2.49
CA LEU B 115 -5.14 8.96 -2.16
C LEU B 115 -5.97 9.21 -3.43
N ALA B 116 -6.22 8.12 -4.18
CA ALA B 116 -7.00 8.20 -5.41
C ALA B 116 -8.49 8.28 -5.05
N CYS B 117 -9.16 9.30 -5.59
CA CYS B 117 -10.54 9.60 -5.25
C CYS B 117 -11.37 9.77 -6.52
N TYR B 118 -12.66 9.49 -6.40
CA TYR B 118 -13.61 9.67 -7.49
C TYR B 118 -14.91 10.20 -6.91
N ASN B 119 -15.44 11.26 -7.53
CA ASN B 119 -16.65 11.93 -7.05
C ASN B 119 -16.50 12.36 -5.60
N GLY B 120 -15.28 12.77 -5.24
CA GLY B 120 -15.01 13.22 -3.89
C GLY B 120 -14.87 12.13 -2.86
N SER B 121 -14.90 10.86 -3.27
CA SER B 121 -14.87 9.75 -2.33
C SER B 121 -13.54 9.02 -2.43
N PRO B 122 -12.78 8.89 -1.34
CA PRO B 122 -11.54 8.11 -1.39
C PRO B 122 -11.81 6.67 -1.84
N SER B 123 -10.97 6.18 -2.76
CA SER B 123 -11.14 4.87 -3.36
C SER B 123 -9.96 3.95 -3.14
N GLY B 124 -8.74 4.47 -3.11
CA GLY B 124 -7.57 3.65 -2.87
C GLY B 124 -6.39 4.52 -2.50
N VAL B 125 -5.38 3.89 -1.92
CA VAL B 125 -4.15 4.58 -1.53
C VAL B 125 -2.97 3.73 -1.99
N TYR B 126 -1.95 4.39 -2.51
CA TYR B 126 -0.74 3.69 -2.90
C TYR B 126 0.44 4.64 -2.83
N GLN B 127 1.65 4.06 -2.82
CA GLN B 127 2.89 4.79 -2.61
C GLN B 127 3.52 5.03 -3.98
N CYS B 128 3.89 6.29 -4.24
CA CYS B 128 4.46 6.76 -5.50
C CYS B 128 5.83 7.37 -5.27
N ALA B 129 6.55 7.57 -6.37
CA ALA B 129 7.76 8.38 -6.39
C ALA B 129 7.61 9.46 -7.46
N MET B 130 8.10 10.65 -7.17
CA MET B 130 8.24 11.69 -8.18
C MET B 130 9.41 11.28 -9.07
N ARG B 131 9.12 10.89 -10.31
CA ARG B 131 10.17 10.45 -11.21
C ARG B 131 11.14 11.61 -11.48
N PRO B 132 12.40 11.31 -11.82
CA PRO B 132 13.33 12.39 -12.19
C PRO B 132 12.84 13.26 -13.35
N ASN B 133 11.94 12.75 -14.18
CA ASN B 133 11.37 13.56 -15.25
C ASN B 133 10.05 14.21 -14.85
N PHE B 134 9.73 14.21 -13.55
CA PHE B 134 8.61 14.95 -12.97
C PHE B 134 7.26 14.38 -13.39
N THR B 135 7.22 13.12 -13.81
CA THR B 135 5.98 12.37 -13.88
C THR B 135 5.87 11.48 -12.65
N ILE B 136 4.68 10.95 -12.42
CA ILE B 136 4.49 9.87 -11.46
C ILE B 136 3.84 8.71 -12.19
N LYS B 137 4.23 7.50 -11.83
CA LYS B 137 3.64 6.29 -12.42
C LYS B 137 2.47 5.88 -11.53
N GLY B 138 1.32 6.51 -11.77
CA GLY B 138 0.15 6.32 -10.94
C GLY B 138 -0.82 5.33 -11.53
N SER B 139 -1.94 5.18 -10.84
CA SER B 139 -3.09 4.41 -11.32
C SER B 139 -4.30 5.32 -11.13
N PHE B 140 -4.72 5.95 -12.23
CA PHE B 140 -5.80 6.93 -12.20
C PHE B 140 -6.74 6.67 -13.36
N LEU B 141 -8.04 6.79 -13.10
CA LEU B 141 -9.08 6.72 -14.12
C LEU B 141 -9.71 8.09 -14.28
N ASN B 142 -10.65 8.21 -15.22
CA ASN B 142 -11.37 9.47 -15.41
C ASN B 142 -12.17 9.80 -14.16
N GLY B 143 -12.14 11.07 -13.78
CA GLY B 143 -12.74 11.52 -12.56
C GLY B 143 -11.80 11.59 -11.37
N SER B 144 -10.51 11.30 -11.58
CA SER B 144 -9.55 11.24 -10.50
C SER B 144 -8.80 12.55 -10.30
N ALA B 145 -8.94 13.50 -11.24
CA ALA B 145 -8.32 14.81 -11.06
C ALA B 145 -8.72 15.38 -9.70
N GLY B 146 -7.76 16.03 -9.05
CA GLY B 146 -7.98 16.52 -7.71
C GLY B 146 -7.55 15.57 -6.62
N SER B 147 -7.33 14.30 -6.94
CA SER B 147 -6.68 13.40 -6.00
C SER B 147 -5.35 14.01 -5.52
N VAL B 148 -4.93 13.67 -4.30
CA VAL B 148 -3.80 14.36 -3.69
C VAL B 148 -2.76 13.36 -3.22
N GLY B 149 -1.51 13.83 -3.19
CA GLY B 149 -0.40 13.06 -2.67
C GLY B 149 0.15 13.74 -1.43
N PHE B 150 0.65 12.92 -0.51
CA PHE B 150 1.03 13.49 0.77
C PHE B 150 2.06 12.61 1.46
N ASN B 151 2.75 13.20 2.43
CA ASN B 151 3.53 12.50 3.43
C ASN B 151 3.03 12.93 4.80
N ILE B 152 3.38 12.14 5.82
CA ILE B 152 3.15 12.52 7.21
C ILE B 152 4.50 12.62 7.90
N ASP B 153 4.80 13.77 8.49
CA ASP B 153 5.99 13.95 9.34
C ASP B 153 5.49 14.16 10.76
N TYR B 154 5.68 13.16 11.62
CA TYR B 154 5.16 13.18 12.98
C TYR B 154 3.64 13.22 12.97
N ASP B 155 3.05 14.38 13.26
CA ASP B 155 1.59 14.50 13.28
C ASP B 155 1.10 15.44 12.18
N CSD B 156 2.04 15.96 11.40
CA CSD B 156 1.76 16.87 10.32
CB CSD B 156 2.89 17.89 10.29
SG CSD B 156 2.44 19.37 9.45
C CSD B 156 1.62 16.25 8.95
O CSD B 156 2.49 15.54 8.46
OD1 CSD B 156 3.39 20.38 9.88
OD2 CSD B 156 3.24 18.95 8.02
HA CSD B 156 0.74 17.36 10.48
HB2 CSD B 156 3.78 17.44 9.81
HB3 CSD B 156 3.17 18.14 11.35
HD2 CSD B 156 2.63 18.74 7.30
N VAL B 157 0.49 16.53 8.30
CA VAL B 157 0.29 16.14 6.93
C VAL B 157 0.98 17.12 5.97
N SER B 158 1.88 16.63 5.14
CA SER B 158 2.55 17.45 4.14
C SER B 158 1.93 17.11 2.78
N PHE B 159 1.09 18.01 2.27
CA PHE B 159 0.50 17.85 0.94
C PHE B 159 1.52 18.30 -0.10
N CYS B 160 1.84 17.42 -1.05
CA CYS B 160 2.87 17.70 -2.03
C CYS B 160 2.40 17.57 -3.48
N TYR B 161 1.23 16.99 -3.75
CA TYR B 161 0.83 16.72 -5.13
C TYR B 161 -0.69 16.77 -5.25
N MET B 162 -1.16 17.39 -6.33
CA MET B 162 -2.55 17.32 -6.74
C MET B 162 -2.58 16.82 -8.17
N HIS B 163 -3.38 15.79 -8.44
CA HIS B 163 -3.38 15.14 -9.74
C HIS B 163 -4.19 15.94 -10.73
N HIS B 164 -3.69 16.02 -11.96
CA HIS B 164 -4.38 16.73 -13.03
C HIS B 164 -4.70 15.85 -14.22
N MET B 165 -3.71 15.14 -14.78
CA MET B 165 -3.93 14.54 -16.09
C MET B 165 -3.02 13.34 -16.32
N GLU B 166 -3.33 12.61 -17.39
CA GLU B 166 -2.54 11.46 -17.83
C GLU B 166 -1.93 11.77 -19.19
N LEU B 167 -0.66 11.44 -19.36
CA LEU B 167 0.06 11.67 -20.59
C LEU B 167 -0.10 10.49 -21.54
N PRO B 168 0.14 10.68 -22.83
CA PRO B 168 -0.11 9.58 -23.78
C PRO B 168 0.57 8.27 -23.40
N THR B 169 1.77 8.33 -22.82
CA THR B 169 2.47 7.11 -22.44
C THR B 169 1.86 6.44 -21.20
N GLY B 170 0.80 7.00 -20.65
CA GLY B 170 0.15 6.37 -19.52
C GLY B 170 0.68 6.76 -18.15
N VAL B 171 1.66 7.67 -18.08
CA VAL B 171 2.11 8.20 -16.80
C VAL B 171 1.31 9.46 -16.50
N HIS B 172 1.52 10.04 -15.32
CA HIS B 172 0.65 11.09 -14.81
C HIS B 172 1.42 12.33 -14.42
N ALA B 173 0.72 13.46 -14.47
CA ALA B 173 1.32 14.77 -14.22
C ALA B 173 0.38 15.57 -13.33
N GLY B 174 0.96 16.45 -12.54
CA GLY B 174 0.18 17.24 -11.62
C GLY B 174 0.98 18.37 -11.04
N THR B 175 0.40 19.01 -10.03
CA THR B 175 0.97 20.22 -9.44
C THR B 175 1.21 20.01 -7.96
N ASP B 176 1.94 20.94 -7.35
CA ASP B 176 1.92 21.06 -5.89
C ASP B 176 0.61 21.74 -5.51
N LEU B 177 0.37 21.92 -4.21
CA LEU B 177 -0.88 22.51 -3.76
C LEU B 177 -0.92 24.02 -3.95
N GLU B 178 0.15 24.61 -4.49
CA GLU B 178 0.17 26.00 -4.88
C GLU B 178 -0.03 26.16 -6.38
N GLY B 179 -0.32 25.07 -7.08
CA GLY B 179 -0.69 25.12 -8.48
C GLY B 179 0.44 25.08 -9.46
N ASN B 180 1.68 24.94 -9.01
CA ASN B 180 2.82 24.86 -9.90
C ASN B 180 2.97 23.43 -10.39
N PHE B 181 2.91 23.24 -11.71
CA PHE B 181 3.10 21.90 -12.26
C PHE B 181 4.48 21.36 -11.89
N TYR B 182 4.53 20.06 -11.59
CA TYR B 182 5.81 19.35 -11.58
C TYR B 182 6.15 19.02 -13.04
N GLY B 183 7.29 19.50 -13.51
CA GLY B 183 7.77 19.15 -14.83
C GLY B 183 7.30 20.07 -15.93
N PRO B 184 7.61 19.74 -17.19
CA PRO B 184 7.38 20.62 -18.33
C PRO B 184 5.98 20.47 -18.94
N PHE B 185 4.94 20.56 -18.11
CA PHE B 185 3.59 20.24 -18.54
C PHE B 185 2.65 21.43 -18.32
N VAL B 186 1.51 21.36 -19.03
CA VAL B 186 0.46 22.37 -18.94
C VAL B 186 -0.89 21.67 -18.88
N ASP B 187 -1.88 22.36 -18.31
CA ASP B 187 -3.21 21.76 -18.12
C ASP B 187 -4.11 22.16 -19.30
N ARG B 188 -3.74 21.64 -20.47
CA ARG B 188 -4.50 21.85 -21.69
C ARG B 188 -4.63 20.53 -22.43
N GLN B 189 -5.76 20.36 -23.13
CA GLN B 189 -6.01 19.14 -23.90
C GLN B 189 -5.15 19.20 -25.16
N THR B 190 -3.86 18.93 -24.98
CA THR B 190 -2.89 18.93 -26.06
C THR B 190 -1.89 17.81 -25.78
N ALA B 191 -1.34 17.23 -26.84
CA ALA B 191 -0.37 16.14 -26.68
C ALA B 191 0.91 16.68 -26.08
N GLN B 192 1.40 16.01 -25.03
CA GLN B 192 2.58 16.45 -24.31
C GLN B 192 3.49 15.27 -24.03
N ALA B 193 4.78 15.49 -24.22
CA ALA B 193 5.82 14.49 -23.95
C ALA B 193 6.53 14.81 -22.65
N ALA B 194 7.15 13.80 -22.06
CA ALA B 194 7.69 13.91 -20.70
C ALA B 194 9.17 14.23 -20.66
N GLY B 195 9.98 13.59 -21.49
CA GLY B 195 11.41 13.67 -21.32
C GLY B 195 11.95 12.42 -20.65
N THR B 196 13.19 12.06 -20.98
CA THR B 196 13.72 10.76 -20.60
C THR B 196 13.77 10.60 -19.09
N ASP B 197 13.21 9.50 -18.59
CA ASP B 197 13.25 9.18 -17.17
C ASP B 197 14.53 8.42 -16.84
N THR B 198 14.93 8.52 -15.58
CA THR B 198 16.14 7.87 -15.09
C THR B 198 15.83 7.18 -13.77
N THR B 199 16.77 6.35 -13.32
CA THR B 199 16.60 5.55 -12.11
C THR B 199 17.14 6.32 -10.91
N ILE B 200 16.37 6.28 -9.83
CA ILE B 200 16.68 7.02 -8.61
C ILE B 200 17.71 6.23 -7.81
N THR B 201 18.98 6.54 -8.03
CA THR B 201 20.07 5.71 -7.51
C THR B 201 20.04 5.64 -5.99
N VAL B 202 19.83 6.78 -5.32
CA VAL B 202 19.87 6.77 -3.87
C VAL B 202 18.79 5.84 -3.32
N ASN B 203 17.64 5.76 -3.98
CA ASN B 203 16.57 4.89 -3.51
C ASN B 203 16.92 3.41 -3.71
N VAL B 204 17.60 3.11 -4.82
CA VAL B 204 18.05 1.73 -5.05
C VAL B 204 18.96 1.30 -3.91
N LEU B 205 19.91 2.16 -3.53
CA LEU B 205 20.81 1.82 -2.43
C LEU B 205 20.05 1.62 -1.12
N ALA B 206 19.09 2.51 -0.83
CA ALA B 206 18.26 2.32 0.35
C ALA B 206 17.57 0.97 0.33
N TRP B 207 17.07 0.58 -0.84
CA TRP B 207 16.36 -0.69 -0.98
C TRP B 207 17.31 -1.88 -0.84
N LEU B 208 18.55 -1.74 -1.28
CA LEU B 208 19.55 -2.78 -1.02
C LEU B 208 19.84 -2.90 0.48
N TYR B 209 19.83 -1.78 1.20
CA TYR B 209 19.96 -1.84 2.65
C TYR B 209 18.77 -2.55 3.29
N ALA B 210 17.55 -2.24 2.82
CA ALA B 210 16.38 -2.95 3.30
C ALA B 210 16.51 -4.45 3.09
N ALA B 211 17.07 -4.85 1.93
CA ALA B 211 17.25 -6.26 1.65
C ALA B 211 18.20 -6.90 2.66
N VAL B 212 19.33 -6.24 2.92
CA VAL B 212 20.27 -6.75 3.90
C VAL B 212 19.63 -6.85 5.27
N ILE B 213 18.85 -5.84 5.65
CA ILE B 213 18.17 -5.86 6.94
C ILE B 213 17.27 -7.08 7.03
N ASN B 214 16.70 -7.52 5.91
CA ASN B 214 15.84 -8.70 5.88
C ASN B 214 16.60 -9.97 5.52
N GLY B 215 17.92 -9.95 5.58
CA GLY B 215 18.71 -11.14 5.34
C GLY B 215 18.98 -11.49 3.89
N ASP B 216 18.58 -10.65 2.95
CA ASP B 216 18.91 -10.83 1.54
C ASP B 216 20.25 -10.13 1.29
N ARG B 217 21.29 -10.93 1.02
CA ARG B 217 22.63 -10.36 0.98
C ARG B 217 23.58 -11.04 0.01
N TRP B 218 23.07 -11.79 -0.98
CA TRP B 218 23.98 -12.46 -1.91
C TRP B 218 24.75 -11.47 -2.78
N PHE B 219 24.19 -10.28 -3.00
CA PHE B 219 24.78 -9.29 -3.90
C PHE B 219 25.96 -8.53 -3.27
N LEU B 220 26.16 -8.65 -1.96
CA LEU B 220 27.28 -7.96 -1.34
C LEU B 220 28.60 -8.51 -1.88
N ASN B 221 29.55 -7.60 -2.13
CA ASN B 221 30.87 -7.96 -2.62
C ASN B 221 31.93 -7.27 -1.79
N ARG B 222 33.17 -7.76 -1.93
CA ARG B 222 34.28 -7.27 -1.12
C ARG B 222 34.73 -5.88 -1.50
N PHE B 223 34.24 -5.34 -2.62
CA PHE B 223 34.84 -4.19 -3.25
C PHE B 223 34.21 -2.89 -2.78
N THR B 224 34.93 -1.79 -3.02
CA THR B 224 34.47 -0.44 -2.70
C THR B 224 34.88 0.46 -3.85
N THR B 225 33.98 1.33 -4.27
CA THR B 225 34.23 2.26 -5.37
C THR B 225 34.31 3.69 -4.81
N THR B 226 34.53 4.64 -5.70
CA THR B 226 34.49 6.04 -5.34
C THR B 226 33.33 6.72 -6.05
N LEU B 227 32.88 7.84 -5.48
CA LEU B 227 31.69 8.51 -6.00
C LEU B 227 31.87 8.92 -7.46
N ASN B 228 33.11 9.25 -7.86
CA ASN B 228 33.35 9.61 -9.26
C ASN B 228 33.37 8.39 -10.16
N ASP B 229 34.02 7.31 -9.72
CA ASP B 229 34.00 6.07 -10.49
C ASP B 229 32.58 5.56 -10.66
N PHE B 230 31.79 5.59 -9.58
CA PHE B 230 30.43 5.07 -9.65
C PHE B 230 29.55 5.96 -10.55
N ASN B 231 29.62 7.27 -10.36
CA ASN B 231 28.78 8.18 -11.14
C ASN B 231 29.08 8.06 -12.63
N LEU B 232 30.34 7.84 -13.00
CA LEU B 232 30.67 7.71 -14.42
C LEU B 232 29.99 6.50 -15.03
N VAL B 233 29.93 5.39 -14.28
CA VAL B 233 29.24 4.19 -14.77
C VAL B 233 27.74 4.36 -14.66
N ALA B 234 27.28 4.92 -13.53
CA ALA B 234 25.84 5.13 -13.35
C ALA B 234 25.26 5.97 -14.47
N MET B 235 25.91 7.09 -14.81
CA MET B 235 25.44 7.93 -15.90
C MET B 235 25.24 7.11 -17.17
N LYS B 236 26.16 6.19 -17.46
CA LYS B 236 26.08 5.44 -18.71
C LYS B 236 24.81 4.60 -18.78
N TYR B 237 24.28 4.17 -17.63
CA TYR B 237 23.12 3.31 -17.58
C TYR B 237 21.83 4.07 -17.24
N ASN B 238 21.82 5.39 -17.45
CA ASN B 238 20.65 6.23 -17.16
C ASN B 238 20.26 6.13 -15.69
N TYR B 239 21.26 6.19 -14.81
CA TYR B 239 21.07 6.26 -13.37
C TYR B 239 21.41 7.67 -12.90
N GLU B 240 20.57 8.20 -12.01
CA GLU B 240 20.82 9.53 -11.47
C GLU B 240 22.18 9.54 -10.77
N PRO B 241 22.91 10.65 -10.85
CA PRO B 241 24.17 10.76 -10.10
C PRO B 241 23.93 10.64 -8.60
N LEU B 242 24.99 10.27 -7.89
CA LEU B 242 24.97 10.14 -6.44
C LEU B 242 25.83 11.23 -5.84
N THR B 243 25.23 12.05 -4.99
CA THR B 243 25.94 13.17 -4.38
C THR B 243 26.40 12.80 -2.97
N GLN B 244 27.27 13.65 -2.41
CA GLN B 244 27.66 13.47 -1.02
C GLN B 244 26.46 13.63 -0.10
N ASP B 245 25.45 14.38 -0.53
CA ASP B 245 24.21 14.49 0.26
C ASP B 245 23.47 13.17 0.30
N HIS B 246 23.39 12.47 -0.84
CA HIS B 246 22.77 11.15 -0.86
C HIS B 246 23.55 10.18 0.03
N VAL B 247 24.87 10.27 0.03
CA VAL B 247 25.67 9.40 0.89
C VAL B 247 25.32 9.66 2.36
N ASP B 248 25.16 10.94 2.73
CA ASP B 248 24.94 11.27 4.13
C ASP B 248 23.60 10.72 4.62
N ILE B 249 22.53 10.87 3.84
CA ILE B 249 21.23 10.40 4.29
C ILE B 249 21.17 8.88 4.36
N LEU B 250 22.07 8.19 3.65
CA LEU B 250 22.17 6.73 3.78
C LEU B 250 22.97 6.31 5.01
N GLY B 251 23.59 7.26 5.70
CA GLY B 251 24.43 6.98 6.84
C GLY B 251 23.80 6.07 7.87
N PRO B 252 22.62 6.42 8.36
CA PRO B 252 21.97 5.56 9.37
C PRO B 252 21.85 4.11 8.95
N LEU B 253 21.49 3.86 7.69
CA LEU B 253 21.43 2.47 7.20
C LEU B 253 22.82 1.88 7.08
N SER B 254 23.80 2.67 6.67
CA SER B 254 25.16 2.18 6.56
C SER B 254 25.69 1.74 7.92
N ALA B 255 25.41 2.53 8.96
CA ALA B 255 25.89 2.18 10.30
C ALA B 255 25.17 0.98 10.85
N GLN B 256 23.86 0.89 10.63
CA GLN B 256 23.06 -0.18 11.21
C GLN B 256 23.32 -1.53 10.56
N THR B 257 23.95 -1.55 9.38
CA THR B 257 24.19 -2.80 8.68
C THR B 257 25.67 -3.13 8.51
N GLY B 258 26.57 -2.21 8.84
CA GLY B 258 27.98 -2.46 8.64
C GLY B 258 28.43 -2.49 7.20
N ILE B 259 27.63 -1.91 6.30
CA ILE B 259 27.95 -1.85 4.88
C ILE B 259 28.05 -0.39 4.49
N ALA B 260 29.25 0.05 4.12
CA ALA B 260 29.45 1.44 3.73
C ALA B 260 28.75 1.72 2.40
N VAL B 261 28.36 2.98 2.21
CA VAL B 261 27.65 3.38 1.00
C VAL B 261 28.48 3.03 -0.23
N LEU B 262 29.76 3.40 -0.23
CA LEU B 262 30.61 3.12 -1.38
C LEU B 262 30.84 1.62 -1.56
N ASP B 263 30.82 0.87 -0.46
CA ASP B 263 30.80 -0.59 -0.57
C ASP B 263 29.53 -1.05 -1.29
N MET B 264 28.38 -0.59 -0.81
CA MET B 264 27.12 -0.93 -1.48
C MET B 264 27.12 -0.44 -2.91
N CYS B 265 27.76 0.71 -3.17
CA CYS B 265 27.82 1.22 -4.54
C CYS B 265 28.56 0.26 -5.44
N ALA B 266 29.63 -0.35 -4.93
CA ALA B 266 30.33 -1.36 -5.72
C ALA B 266 29.42 -2.54 -6.03
N SER B 267 28.59 -2.95 -5.07
CA SER B 267 27.59 -3.97 -5.33
C SER B 267 26.62 -3.51 -6.42
N LEU B 268 26.10 -2.28 -6.29
CA LEU B 268 25.15 -1.77 -7.27
C LEU B 268 25.81 -1.60 -8.64
N LYS B 269 27.08 -1.19 -8.67
CA LYS B 269 27.75 -1.04 -9.96
C LYS B 269 27.88 -2.39 -10.66
N GLU B 270 28.14 -3.46 -9.90
CA GLU B 270 28.20 -4.78 -10.51
C GLU B 270 26.83 -5.23 -10.98
N LEU B 271 25.79 -5.01 -10.17
CA LEU B 271 24.44 -5.33 -10.59
C LEU B 271 24.08 -4.61 -11.90
N LEU B 272 24.57 -3.38 -12.06
CA LEU B 272 24.32 -2.64 -13.29
C LEU B 272 25.02 -3.31 -14.48
N GLN B 273 26.31 -3.61 -14.34
CA GLN B 273 27.09 -4.10 -15.46
C GLN B 273 26.90 -5.60 -15.68
N ASN B 274 26.58 -6.35 -14.63
CA ASN B 274 26.53 -7.81 -14.72
C ASN B 274 25.13 -8.38 -14.53
N GLY B 275 24.15 -7.56 -14.17
CA GLY B 275 22.80 -8.07 -14.00
C GLY B 275 22.61 -8.85 -12.71
N MET B 276 21.45 -9.48 -12.61
CA MET B 276 21.05 -10.17 -11.39
C MET B 276 21.31 -11.68 -11.43
N ASN B 277 21.82 -12.20 -12.54
CA ASN B 277 22.21 -13.62 -12.62
C ASN B 277 21.04 -14.52 -12.29
N GLY B 278 19.84 -14.13 -12.73
CA GLY B 278 18.66 -14.92 -12.50
C GLY B 278 18.17 -14.98 -11.08
N ARG B 279 18.72 -14.15 -10.19
CA ARG B 279 18.31 -14.13 -8.80
C ARG B 279 17.39 -12.94 -8.51
N THR B 280 16.87 -12.90 -7.30
CA THR B 280 15.96 -11.85 -6.87
C THR B 280 16.47 -11.17 -5.61
N ILE B 281 15.94 -9.99 -5.34
CA ILE B 281 16.24 -9.21 -4.14
C ILE B 281 14.93 -8.74 -3.57
N LEU B 282 14.64 -9.12 -2.33
CA LEU B 282 13.36 -8.80 -1.70
C LEU B 282 12.20 -9.19 -2.61
N GLY B 283 12.34 -10.34 -3.26
CA GLY B 283 11.28 -10.83 -4.12
C GLY B 283 11.07 -10.06 -5.39
N SER B 284 12.07 -9.30 -5.83
CA SER B 284 12.00 -8.52 -7.06
C SER B 284 13.15 -8.93 -7.97
N ALA B 285 12.88 -8.99 -9.27
CA ALA B 285 13.89 -9.34 -10.26
C ALA B 285 14.49 -8.12 -10.95
N LEU B 286 14.03 -6.93 -10.61
CA LEU B 286 14.64 -5.70 -11.09
C LEU B 286 14.96 -4.80 -9.89
N LEU B 287 15.84 -3.82 -10.13
CA LEU B 287 16.25 -2.90 -9.07
C LEU B 287 15.11 -1.93 -8.77
N GLU B 288 14.67 -1.92 -7.51
CA GLU B 288 13.57 -1.08 -7.07
C GLU B 288 14.09 0.28 -6.65
N ASP B 289 13.45 1.35 -7.14
CA ASP B 289 13.93 2.70 -6.85
C ASP B 289 12.83 3.62 -6.33
N GLU B 290 11.79 3.09 -5.71
CA GLU B 290 10.73 3.93 -5.16
C GLU B 290 10.61 3.70 -3.65
N PHE B 291 11.75 3.46 -3.00
CA PHE B 291 11.87 3.53 -1.55
C PHE B 291 12.98 4.51 -1.18
N THR B 292 12.65 5.56 -0.43
CA THR B 292 13.69 6.49 0.03
C THR B 292 14.42 5.90 1.23
N PRO B 293 15.58 6.43 1.59
CA PRO B 293 16.22 5.99 2.84
C PRO B 293 15.30 6.12 4.06
N PHE B 294 14.59 7.24 4.20
CA PHE B 294 13.67 7.34 5.33
C PHE B 294 12.53 6.36 5.21
N ASP B 295 12.05 6.11 4.00
CA ASP B 295 11.06 5.06 3.80
C ASP B 295 11.51 3.75 4.42
N VAL B 296 12.78 3.39 4.22
CA VAL B 296 13.28 2.13 4.76
C VAL B 296 13.35 2.20 6.28
N VAL B 297 13.76 3.35 6.82
CA VAL B 297 13.85 3.50 8.27
C VAL B 297 12.47 3.37 8.89
N ARG B 298 11.49 4.11 8.38
CA ARG B 298 10.19 4.12 9.03
C ARG B 298 9.55 2.74 9.01
N GLN B 299 9.77 1.97 7.94
CA GLN B 299 9.16 0.65 7.85
C GLN B 299 9.92 -0.38 8.67
N CYS B 300 11.25 -0.39 8.60
CA CYS B 300 12.03 -1.41 9.30
C CYS B 300 12.23 -1.10 10.79
N SER B 301 11.79 0.06 11.27
CA SER B 301 11.86 0.38 12.70
C SER B 301 10.49 0.63 13.31
N GLY B 302 9.43 0.58 12.52
CA GLY B 302 8.08 0.69 13.05
C GLY B 302 7.67 2.09 13.45
N VAL B 303 8.10 3.11 12.69
CA VAL B 303 7.72 4.47 13.00
C VAL B 303 6.22 4.63 12.86
N THR B 304 5.60 5.32 13.82
CA THR B 304 4.16 5.44 13.95
C THR B 304 3.76 6.91 13.88
N PHE B 305 2.50 7.15 13.52
CA PHE B 305 2.04 8.50 13.25
C PHE B 305 0.75 8.79 14.02
N GLN B 306 0.51 10.08 14.23
CA GLN B 306 -0.68 10.54 14.93
C GLN B 306 -0.88 12.04 14.69
N1 THC C 1 13.16 -21.14 18.64
CN THC C 1 14.44 -21.50 18.54
ON THC C 1 14.87 -22.29 17.70
CM THC C 1 15.34 -20.88 19.57
CA THC C 1 12.16 -21.67 17.72
CB THC C 1 10.79 -21.83 18.42
OG1 THC C 1 10.28 -20.55 18.78
CG2 THC C 1 10.91 -22.70 19.67
C THC C 1 11.97 -20.76 16.50
O THC C 1 11.43 -21.20 15.49
HN THC C 1 12.85 -20.60 19.22
HA THC C 1 12.48 -22.52 17.40
HB THC C 1 10.18 -22.27 17.82
HG1 THC C 1 9.51 -20.63 19.11
HG21 THC C 1 10.04 -22.79 20.09
HG22 THC C 1 11.24 -23.58 19.43
HG23 THC C 1 11.53 -22.30 20.30
N PHE C 2 12.39 -19.50 16.61
CA PHE C 2 12.22 -18.51 15.56
C PHE C 2 10.75 -18.36 15.16
N THR C 3 9.85 -18.69 16.10
CA THR C 3 8.40 -18.56 15.95
C THR C 3 7.92 -17.60 17.02
N ARG C 4 7.51 -16.39 16.61
CA ARG C 4 7.33 -15.29 17.55
C ARG C 4 5.92 -14.74 17.51
N LEU C 5 5.26 -14.73 18.68
CA LEU C 5 4.05 -13.95 18.84
C LEU C 5 4.46 -12.48 18.94
N GLN C 6 3.98 -11.64 18.02
CA GLN C 6 4.55 -10.30 17.87
C GLN C 6 3.83 -9.27 18.72
N SER C 7 3.67 -9.60 20.01
CA SER C 7 3.38 -8.59 21.01
C SER C 7 4.68 -7.88 21.37
N LEU C 8 4.59 -6.89 22.26
CA LEU C 8 5.76 -6.12 22.70
C LEU C 8 5.86 -6.25 24.22
N GLU C 9 7.06 -6.54 24.72
CA GLU C 9 7.29 -6.75 26.14
C GLU C 9 7.85 -5.48 26.77
N ASN C 10 7.34 -5.15 27.96
CA ASN C 10 7.74 -3.94 28.68
C ASN C 10 7.51 -2.70 27.82
S DMS D . -6.13 -23.39 25.26
O DMS D . -4.83 -22.66 25.41
C1 DMS D . -7.48 -22.35 25.90
C2 DMS D . -6.58 -23.46 23.50
H11 DMS D . -8.35 -22.53 25.34
H12 DMS D . -7.66 -22.60 26.92
H13 DMS D . -7.22 -21.33 25.83
H21 DMS D . -7.58 -23.81 23.41
H22 DMS D . -6.52 -22.48 23.08
H23 DMS D . -5.92 -24.10 22.99
C1 EDO E . -10.05 -20.47 4.26
O1 EDO E . -11.41 -20.10 4.53
C2 EDO E . -9.38 -20.93 5.55
O2 EDO E . -9.96 -22.17 6.01
H11 EDO E . -10.03 -21.28 3.52
H12 EDO E . -9.51 -19.62 3.85
HO1 EDO E . -11.83 -19.79 3.71
H21 EDO E . -8.31 -21.07 5.39
H22 EDO E . -9.50 -20.17 6.33
HO2 EDO E . -9.38 -22.58 6.67
S DMS F . -12.93 -22.55 11.18
O DMS F . -11.86 -23.21 10.37
C1 DMS F . -13.84 -23.81 12.12
C2 DMS F . -14.24 -21.94 10.08
H11 DMS F . -13.16 -24.37 12.71
H12 DMS F . -14.35 -24.45 11.45
H13 DMS F . -14.54 -23.32 12.75
H21 DMS F . -13.82 -21.30 9.35
H22 DMS F . -14.71 -22.77 9.61
H23 DMS F . -14.95 -21.42 10.65
C1 EDO G . -15.12 5.56 -11.71
O1 EDO G . -14.64 4.80 -10.59
C2 EDO G . -14.21 5.29 -12.92
O2 EDO G . -14.76 5.95 -14.07
H11 EDO G . -15.11 6.63 -11.47
H12 EDO G . -16.14 5.27 -11.94
HO1 EDO G . -15.20 4.97 -9.82
H21 EDO G . -13.21 5.66 -12.72
H22 EDO G . -14.15 4.22 -13.11
HO2 EDO G . -14.15 5.85 -14.81
C1 EDO H . -8.77 -0.49 -3.82
O1 EDO H . -8.05 -1.72 -3.62
C2 EDO H . -8.86 -0.20 -5.31
O2 EDO H . -10.20 0.17 -5.65
H11 EDO H . -9.78 -0.58 -3.40
H12 EDO H . -8.27 0.33 -3.31
HO1 EDO H . -8.01 -1.91 -2.68
H21 EDO H . -8.57 -1.09 -5.88
H22 EDO H . -8.17 0.61 -5.57
HO2 EDO H . -10.25 0.40 -6.59
C1 EDO I . 0.15 3.30 -23.05
O1 EDO I . 0.33 3.64 -24.44
C2 EDO I . -1.19 3.86 -22.57
O2 EDO I . -1.67 3.05 -21.47
H11 EDO I . 0.96 3.73 -22.46
H12 EDO I . 0.18 2.22 -22.92
HO1 EDO I . 1.17 3.27 -24.75
H21 EDO I . -1.07 4.89 -22.23
H22 EDO I . -1.91 3.85 -23.38
HO2 EDO I . -2.52 3.38 -21.17
C1 PEG J . -7.84 7.33 15.60
O1 PEG J . -8.49 8.41 14.91
C2 PEG J . -8.18 7.35 17.08
O2 PEG J . -8.09 6.04 17.63
C3 PEG J . -9.36 5.48 17.96
C4 PEG J . -10.07 6.32 18.98
O4 PEG J . -11.45 6.40 18.67
H11 PEG J . -8.13 6.49 15.22
H12 PEG J . -6.87 7.42 15.51
HO1 PEG J . -8.25 8.51 14.11
H21 PEG J . -9.08 7.69 17.18
H22 PEG J . -7.56 7.93 17.53
H31 PEG J . -9.23 4.60 18.33
H32 PEG J . -9.90 5.43 17.16
H41 PEG J . -9.95 5.93 19.86
H42 PEG J . -9.70 7.22 18.97
HO4 PEG J . -11.95 6.68 19.31
C1 EDO K . -12.12 -12.43 -7.62
O1 EDO K . -12.18 -13.42 -6.58
C2 EDO K . -13.50 -12.32 -8.26
O2 EDO K . -14.52 -12.30 -7.24
H11 EDO K . -11.83 -11.46 -7.21
H12 EDO K . -11.37 -12.71 -8.37
HO1 EDO K . -11.32 -13.49 -6.14
H21 EDO K . -13.67 -13.18 -8.92
H22 EDO K . -13.57 -11.41 -8.87
HO2 EDO K . -15.40 -12.27 -7.65
C1 EDO L . 8.81 -0.39 17.56
O1 EDO L . 7.51 -0.04 18.03
C2 EDO L . 8.78 -1.81 17.02
O2 EDO L . 10.11 -2.36 17.02
H11 EDO L . 9.54 -0.32 18.38
H12 EDO L . 9.13 0.29 16.78
HO1 EDO L . 7.52 0.87 18.37
H21 EDO L . 8.12 -2.43 17.65
H22 EDO L . 8.37 -1.82 16.01
HO2 EDO L . 10.08 -3.27 16.70
C1 PEG M . 4.54 -13.23 -3.13
O1 PEG M . 5.39 -14.37 -3.14
C2 PEG M . 5.29 -11.95 -3.30
O2 PEG M . 4.97 -11.08 -2.23
C3 PEG M . 5.80 -9.92 -2.19
C4 PEG M . 6.22 -9.64 -0.79
O4 PEG M . 7.64 -9.66 -0.65
H11 PEG M . 3.90 -13.31 -3.86
H12 PEG M . 4.06 -13.21 -2.29
HO1 PEG M . 4.99 -15.11 -3.07
H21 PEG M . 6.25 -12.14 -3.28
H22 PEG M . 5.05 -11.54 -4.13
H31 PEG M . 5.30 -9.16 -2.54
H32 PEG M . 6.59 -10.08 -2.75
H41 PEG M . 5.84 -10.32 -0.21
H42 PEG M . 5.89 -8.77 -0.53
HO4 PEG M . 7.92 -9.40 0.11
C1 EDO N . 2.00 0.42 -5.30
O1 EDO N . 2.54 1.46 -4.49
C2 EDO N . 3.14 -0.36 -5.95
O2 EDO N . 2.74 -0.91 -7.17
H11 EDO N . 1.37 0.87 -6.08
H12 EDO N . 1.40 -0.25 -4.70
HO1 EDO N . 1.83 1.89 -4.00
H21 EDO N . 3.99 0.30 -6.11
H22 EDO N . 3.46 -1.16 -5.28
HO2 EDO N . 3.46 -1.43 -7.55
C1 EDO O . -17.26 -9.46 25.97
O1 EDO O . -17.47 -9.93 27.32
C2 EDO O . -17.98 -10.39 24.99
O2 EDO O . -18.60 -9.62 23.96
H11 EDO O . -17.64 -8.44 25.87
H12 EDO O . -16.19 -9.44 25.75
HO1 EDO O . -17.02 -9.34 27.93
H21 EDO O . -18.73 -10.97 25.53
H22 EDO O . -17.27 -11.09 24.56
HO2 EDO O . -19.06 -10.21 23.34
C1 EDO P . 14.06 -26.95 15.60
O1 EDO P . 13.60 -25.59 15.50
C2 EDO P . 13.13 -27.85 14.82
O2 EDO P . 11.82 -27.81 15.41
H11 EDO P . 14.10 -27.25 16.65
H12 EDO P . 15.08 -27.02 15.20
HO1 EDO P . 14.19 -25.01 15.99
H21 EDO P . 13.51 -28.88 14.83
H22 EDO P . 13.07 -27.53 13.78
HO2 EDO P . 11.24 -28.44 14.96
NA NA Q . -2.44 -17.61 -27.20
C1 EDO R . -10.78 2.65 -8.84
O1 EDO R . -10.22 1.98 -7.70
C2 EDO R . -12.26 2.91 -8.60
O2 EDO R . -12.71 2.07 -7.51
H11 EDO R . -10.65 2.04 -9.74
H12 EDO R . -10.26 3.60 -8.99
HO1 EDO R . -9.28 1.80 -7.86
H21 EDO R . -12.43 3.96 -8.35
H22 EDO R . -12.83 2.68 -9.50
HO2 EDO R . -13.64 2.24 -7.34
N GLN S . -8.54 14.41 -16.67
CA GLN S . -9.08 13.36 -15.81
C GLN S . -9.99 13.94 -14.73
O GLN S . -10.29 13.29 -13.73
CB GLN S . -7.96 12.56 -15.16
CG GLN S . -7.07 11.83 -16.16
CD GLN S . -6.33 10.67 -15.52
OE1 GLN S . -5.27 10.85 -14.95
NE2 GLN S . -6.88 9.46 -15.66
HA GLN S . -9.60 12.74 -16.36
HB2 GLN S . -7.39 13.18 -14.66
HB3 GLN S . -8.34 11.90 -14.57
HG2 GLN S . -7.61 11.48 -16.87
HG3 GLN S . -6.41 12.45 -16.51
HE21 GLN S . -7.62 9.37 -16.08
HE22 GLN S . -6.49 8.77 -15.31
C1 EDO T . 11.75 -7.40 14.60
O1 EDO T . 10.82 -7.04 15.63
C2 EDO T . 11.01 -8.19 13.51
O2 EDO T . 11.92 -8.48 12.45
H11 EDO T . 12.20 -6.51 14.18
H12 EDO T . 12.54 -8.02 15.03
HO1 EDO T . 11.28 -6.54 16.32
H21 EDO T . 10.18 -7.59 13.14
H22 EDO T . 10.61 -9.11 13.93
HO2 EDO T . 11.55 -9.19 11.91
C1 EDO U . 4.50 0.86 -11.30
O1 EDO U . 5.91 1.03 -11.59
C2 EDO U . 3.86 0.01 -12.40
O2 EDO U . 3.74 0.77 -13.60
H11 EDO U . 4.38 0.38 -10.33
H12 EDO U . 4.01 1.84 -11.26
HO1 EDO U . 6.31 1.57 -10.89
H21 EDO U . 4.47 -0.88 -12.56
H22 EDO U . 2.87 -0.33 -12.07
HO2 EDO U . 3.33 0.23 -14.29
NA NA V . 30.76 -4.01 -2.13
#